data_6E1C
#
_entry.id   6E1C
#
_cell.length_a   71.557
_cell.length_b   85.757
_cell.length_c   133.600
_cell.angle_alpha   90.000
_cell.angle_beta   90.000
_cell.angle_gamma   90.000
#
_symmetry.space_group_name_H-M   'P 21 21 21'
#
loop_
_entity.id
_entity.type
_entity.pdbx_description
1 polymer 'Di-heme enzyme'
2 non-polymer 'HEME C'
3 non-polymer 'CALCIUM ION'
4 water water
#
_entity_poly.entity_id   1
_entity_poly.type   'polypeptide(L)'
_entity_poly.pdbx_seq_one_letter_code
;MMRASFLVLAALVLGARSAAEPAPAWNWDLPKYIPPPRVPVDNPMSEEKFQLGRRLFYDKRLSGNGTLSCSSCHLQERAF
TDGRTVSIGSTGAKTPRNAPSIAYSGWHGTLTWANPALVTLERQMLNPLFGADPIEMGASDANKAEIVARFRADADYRRW
FAAAFPEMSEPISFATIIAAISAFQRGVYSFDSRYDHYLQGEAQLTEAEQRGHDLYFGEKAECHHCHGSVGLDDQFVHAR
TREPELPFHNTGLYDIDGKGAYPAPNHGLFDITGDPDDMGKFRAPSLRNIALTAPYMHDGSVATLEEVIDIYSEGGRKIA
SGPHAGDGRASALKSGLIVKIDLTAQEKADLLAFLKTLTDESLIASPRFSDPWRTPTAAKWSHPQFEK
;
_entity_poly.pdbx_strand_id   A,B
#
loop_
_chem_comp.id
_chem_comp.type
_chem_comp.name
_chem_comp.formula
CA non-polymer 'CALCIUM ION' 'Ca 2'
HEC non-polymer 'HEME C' 'C34 H34 Fe N4 O4'
#
# COMPACT_ATOMS: atom_id res chain seq x y z
N ALA A 25 19.43 22.97 -29.66
CA ALA A 25 19.48 22.44 -28.27
C ALA A 25 18.03 22.44 -27.75
N TRP A 26 17.51 21.27 -27.36
CA TRP A 26 16.09 21.08 -27.04
C TRP A 26 15.57 21.73 -25.75
N ASN A 27 14.67 22.70 -25.88
CA ASN A 27 14.02 23.30 -24.71
C ASN A 27 12.85 22.43 -24.31
N TRP A 28 12.88 21.95 -23.06
CA TRP A 28 11.74 21.18 -22.52
C TRP A 28 10.48 22.01 -22.35
N ASP A 29 10.61 23.22 -21.79
CA ASP A 29 9.47 24.15 -21.55
C ASP A 29 8.35 23.46 -20.73
N LEU A 30 8.73 23.12 -19.51
CA LEU A 30 7.88 22.37 -18.61
C LEU A 30 7.41 23.27 -17.47
N PRO A 31 6.24 22.97 -16.90
CA PRO A 31 5.91 23.55 -15.61
C PRO A 31 7.02 23.27 -14.58
N LYS A 32 6.90 23.86 -13.38
CA LYS A 32 7.80 23.57 -12.24
C LYS A 32 7.77 22.08 -11.87
N TYR A 33 6.55 21.57 -11.64
CA TYR A 33 6.32 20.22 -11.13
C TYR A 33 6.59 19.01 -12.08
N ILE A 34 6.93 19.23 -13.36
CA ILE A 34 7.21 18.14 -14.29
C ILE A 34 8.71 18.13 -14.57
N PRO A 35 9.40 17.12 -14.10
CA PRO A 35 10.79 17.05 -14.50
C PRO A 35 10.95 16.49 -15.94
N PRO A 36 12.08 16.78 -16.61
CA PRO A 36 12.26 16.25 -17.95
C PRO A 36 12.25 14.72 -17.96
N PRO A 37 11.72 14.13 -19.05
CA PRO A 37 11.68 12.66 -19.15
C PRO A 37 13.07 12.05 -19.42
N ARG A 38 13.20 10.79 -19.06
CA ARG A 38 14.40 10.02 -19.35
C ARG A 38 14.53 9.90 -20.88
N VAL A 39 15.65 10.39 -21.43
CA VAL A 39 16.01 10.27 -22.87
C VAL A 39 17.09 9.18 -23.01
N PRO A 40 16.88 8.17 -23.91
CA PRO A 40 17.94 7.15 -24.17
C PRO A 40 19.18 7.83 -24.74
N VAL A 41 20.30 7.67 -24.05
CA VAL A 41 21.51 8.47 -24.30
C VAL A 41 22.07 8.46 -25.76
N ASP A 42 21.69 7.43 -26.53
CA ASP A 42 22.02 7.31 -27.97
C ASP A 42 20.91 7.84 -28.95
N ASN A 43 19.89 8.50 -28.40
CA ASN A 43 18.86 9.13 -29.23
C ASN A 43 18.48 10.50 -28.66
N PRO A 44 19.45 11.46 -28.63
CA PRO A 44 19.15 12.80 -28.06
C PRO A 44 18.03 13.57 -28.82
N MET A 45 17.21 14.32 -28.07
CA MET A 45 16.14 15.15 -28.65
C MET A 45 16.72 16.24 -29.55
N SER A 46 16.02 16.57 -30.64
CA SER A 46 16.31 17.77 -31.45
C SER A 46 15.10 18.10 -32.29
N GLU A 47 15.05 19.32 -32.80
CA GLU A 47 13.88 19.74 -33.54
C GLU A 47 13.80 19.08 -34.91
N GLU A 48 14.96 18.80 -35.49
CA GLU A 48 15.00 18.11 -36.79
C GLU A 48 14.44 16.72 -36.60
N LYS A 49 14.82 16.07 -35.51
CA LYS A 49 14.33 14.73 -35.20
C LYS A 49 12.79 14.71 -34.91
N PHE A 50 12.32 15.73 -34.19
CA PHE A 50 10.90 15.93 -33.92
C PHE A 50 10.00 16.02 -35.16
N GLN A 51 10.39 16.87 -36.10
CA GLN A 51 9.59 17.08 -37.32
C GLN A 51 9.65 15.89 -38.24
N LEU A 52 10.75 15.16 -38.26
CA LEU A 52 10.80 14.00 -39.11
C LEU A 52 9.80 12.94 -38.58
N GLY A 53 9.91 12.65 -37.28
CA GLY A 53 8.97 11.81 -36.56
C GLY A 53 7.54 12.20 -36.78
N ARG A 54 7.25 13.50 -36.79
CA ARG A 54 5.90 13.95 -37.06
C ARG A 54 5.43 13.57 -38.46
N ARG A 55 6.31 13.66 -39.43
CA ARG A 55 5.96 13.33 -40.80
C ARG A 55 5.78 11.85 -40.96
N LEU A 56 6.59 11.06 -40.25
CA LEU A 56 6.48 9.60 -40.37
C LEU A 56 5.29 9.01 -39.62
N PHE A 57 5.03 9.54 -38.42
CA PHE A 57 3.80 9.25 -37.63
C PHE A 57 2.52 9.38 -38.47
N TYR A 58 2.47 10.36 -39.37
CA TYR A 58 1.29 10.63 -40.17
C TYR A 58 1.34 10.06 -41.60
N ASP A 59 2.42 9.37 -41.96
CA ASP A 59 2.58 8.86 -43.34
C ASP A 59 2.09 7.42 -43.55
N LYS A 60 1.04 7.28 -44.36
CA LYS A 60 0.34 5.99 -44.64
C LYS A 60 1.23 5.01 -45.41
N ARG A 61 2.44 5.46 -45.73
CA ARG A 61 3.41 4.74 -46.53
C ARG A 61 4.39 3.92 -45.67
N LEU A 62 4.25 4.05 -44.35
CA LEU A 62 5.04 3.24 -43.40
C LEU A 62 4.42 1.86 -43.13
N SER A 63 3.14 1.69 -43.47
CA SER A 63 2.49 0.41 -43.31
C SER A 63 2.78 -0.47 -44.54
N GLY A 64 2.82 -1.79 -44.33
CA GLY A 64 3.14 -2.75 -45.41
C GLY A 64 2.44 -2.45 -46.74
N ASN A 65 1.12 -2.32 -46.71
CA ASN A 65 0.31 -2.14 -47.92
C ASN A 65 -0.13 -0.69 -48.18
N GLY A 66 0.39 0.24 -47.38
CA GLY A 66 0.13 1.66 -47.57
C GLY A 66 -1.24 2.21 -47.19
N THR A 67 -1.97 1.48 -46.35
CA THR A 67 -3.31 1.92 -45.92
C THR A 67 -3.37 2.66 -44.56
N LEU A 68 -2.31 2.59 -43.74
CA LEU A 68 -2.35 3.15 -42.38
C LEU A 68 -1.09 3.86 -41.96
N SER A 69 -1.25 4.99 -41.30
CA SER A 69 -0.15 5.56 -40.56
C SER A 69 -0.45 5.25 -39.14
N CYS A 70 0.51 5.50 -38.26
CA CYS A 70 0.26 5.46 -36.83
C CYS A 70 -0.95 6.29 -36.50
N SER A 71 -1.10 7.43 -37.17
CA SER A 71 -2.11 8.34 -36.78
C SER A 71 -3.50 7.78 -37.07
N SER A 72 -3.62 6.74 -37.91
CA SER A 72 -4.92 6.07 -38.12
C SER A 72 -5.62 5.64 -36.81
N CYS A 73 -4.85 5.14 -35.84
CA CYS A 73 -5.34 4.75 -34.50
C CYS A 73 -5.12 5.76 -33.40
N HIS A 74 -4.24 6.72 -33.66
CA HIS A 74 -3.84 7.74 -32.70
C HIS A 74 -4.16 9.14 -33.32
N LEU A 75 -5.45 9.44 -33.39
CA LEU A 75 -5.96 10.70 -33.92
C LEU A 75 -5.72 11.90 -33.00
N GLN A 76 -5.11 12.98 -33.50
CA GLN A 76 -5.02 14.27 -32.76
C GLN A 76 -6.36 14.76 -32.15
N GLU A 77 -7.39 14.83 -32.95
CA GLU A 77 -8.71 15.26 -32.59
C GLU A 77 -9.25 14.65 -31.33
N ARG A 78 -8.78 13.46 -31.00
CA ARG A 78 -9.17 12.67 -29.84
C ARG A 78 -8.04 12.41 -28.87
N ALA A 79 -7.16 13.37 -28.73
CA ALA A 79 -5.93 13.28 -27.96
C ALA A 79 -5.10 12.04 -28.26
N PHE A 80 -5.03 11.67 -29.55
CA PHE A 80 -4.16 10.55 -30.06
C PHE A 80 -4.65 9.18 -29.73
N THR A 81 -5.97 9.02 -29.81
CA THR A 81 -6.62 7.76 -29.58
C THR A 81 -7.64 7.60 -30.69
N ASP A 82 -8.47 6.58 -30.57
CA ASP A 82 -9.21 6.05 -31.70
C ASP A 82 -10.68 6.41 -31.82
N GLY A 83 -11.32 6.51 -30.66
CA GLY A 83 -12.77 6.61 -30.55
C GLY A 83 -13.48 5.31 -30.77
N ARG A 84 -12.75 4.22 -30.98
CA ARG A 84 -13.35 2.89 -31.20
C ARG A 84 -13.03 1.99 -30.02
N THR A 85 -13.85 0.99 -29.75
CA THR A 85 -13.56 0.11 -28.61
C THR A 85 -12.17 -0.58 -28.73
N VAL A 86 -11.92 -1.18 -29.89
CA VAL A 86 -10.59 -1.67 -30.26
C VAL A 86 -10.22 -1.08 -31.64
N SER A 87 -8.98 -1.29 -32.10
CA SER A 87 -8.55 -0.78 -33.40
C SER A 87 -8.46 -1.80 -34.53
N ILE A 88 -8.34 -1.29 -35.75
CA ILE A 88 -8.34 -2.10 -36.99
C ILE A 88 -6.97 -1.90 -37.68
N GLY A 89 -6.17 -2.95 -37.69
CA GLY A 89 -4.88 -2.99 -38.35
C GLY A 89 -4.98 -2.92 -39.86
N SER A 90 -3.83 -2.87 -40.52
CA SER A 90 -3.77 -2.66 -41.95
C SER A 90 -4.26 -3.82 -42.79
N THR A 91 -4.35 -5.03 -42.23
CA THR A 91 -4.95 -6.17 -42.96
C THR A 91 -6.37 -6.44 -42.50
N GLY A 92 -6.85 -5.57 -41.62
CA GLY A 92 -8.26 -5.60 -41.24
C GLY A 92 -8.59 -6.46 -40.03
N ALA A 93 -7.57 -6.79 -39.24
CA ALA A 93 -7.77 -7.48 -37.99
C ALA A 93 -8.04 -6.48 -36.87
N LYS A 94 -8.81 -6.93 -35.86
CA LYS A 94 -9.04 -6.11 -34.66
C LYS A 94 -7.91 -6.27 -33.66
N THR A 95 -7.60 -5.22 -32.92
CA THR A 95 -6.68 -5.36 -31.82
C THR A 95 -7.45 -5.96 -30.65
N PRO A 96 -6.77 -6.68 -29.74
CA PRO A 96 -7.48 -7.17 -28.54
C PRO A 96 -7.78 -6.06 -27.51
N ARG A 97 -7.04 -4.95 -27.58
CA ARG A 97 -7.23 -3.88 -26.60
C ARG A 97 -7.50 -2.50 -27.24
N ASN A 98 -7.93 -1.56 -26.40
CA ASN A 98 -8.28 -0.23 -26.79
C ASN A 98 -6.97 0.56 -26.95
N ALA A 99 -6.90 1.39 -27.98
CA ALA A 99 -5.71 2.20 -28.23
C ALA A 99 -5.54 3.42 -27.31
N PRO A 100 -4.55 3.36 -26.40
CA PRO A 100 -4.30 4.42 -25.42
C PRO A 100 -3.73 5.67 -26.10
N SER A 101 -3.54 6.75 -25.36
CA SER A 101 -2.99 7.96 -25.93
C SER A 101 -1.44 7.96 -26.06
N ILE A 102 -0.88 8.65 -27.05
CA ILE A 102 0.57 8.72 -27.12
C ILE A 102 1.11 10.01 -26.49
N ALA A 103 0.23 10.99 -26.28
CA ALA A 103 0.65 12.18 -25.53
C ALA A 103 1.18 11.78 -24.16
N TYR A 104 2.24 12.44 -23.69
CA TYR A 104 2.84 12.16 -22.36
C TYR A 104 3.56 10.80 -22.19
N SER A 105 3.45 9.93 -23.20
CA SER A 105 4.13 8.62 -23.21
C SER A 105 5.64 8.63 -22.93
N GLY A 106 6.31 9.77 -23.04
CA GLY A 106 7.73 9.85 -22.68
C GLY A 106 7.98 9.68 -21.18
N TRP A 107 6.93 9.91 -20.37
CA TRP A 107 7.01 9.78 -18.91
C TRP A 107 6.42 8.44 -18.39
N HIS A 108 6.02 7.51 -19.26
CA HIS A 108 5.37 6.30 -18.76
C HIS A 108 6.42 5.26 -18.47
N GLY A 109 6.39 4.75 -17.23
CA GLY A 109 7.35 3.76 -16.76
C GLY A 109 7.30 2.48 -17.55
N THR A 110 6.10 1.98 -17.77
CA THR A 110 5.87 0.81 -18.61
C THR A 110 4.85 1.26 -19.68
N LEU A 111 5.05 0.79 -20.90
CA LEU A 111 4.20 1.21 -21.98
C LEU A 111 3.49 -0.13 -22.09
N THR A 112 2.27 -0.10 -22.62
CA THR A 112 0.94 -0.43 -23.13
C THR A 112 0.04 -0.65 -21.89
N TRP A 113 -0.81 -1.68 -21.94
CA TRP A 113 -1.83 -1.92 -20.93
C TRP A 113 -1.32 -2.85 -19.82
N ALA A 114 -0.46 -3.81 -20.15
CA ALA A 114 0.09 -4.73 -19.14
C ALA A 114 1.33 -5.45 -19.62
N ASN A 115 2.49 -4.79 -19.54
CA ASN A 115 3.76 -5.39 -19.90
C ASN A 115 4.85 -4.64 -19.17
N PRO A 116 5.44 -5.23 -18.13
CA PRO A 116 6.61 -4.59 -17.46
C PRO A 116 7.93 -4.55 -18.29
N ALA A 117 8.05 -5.37 -19.34
CA ALA A 117 9.25 -5.35 -20.24
C ALA A 117 9.37 -4.17 -21.26
N LEU A 118 8.24 -3.57 -21.65
CA LEU A 118 8.26 -2.40 -22.52
C LEU A 118 8.47 -1.13 -21.69
N VAL A 119 9.71 -0.63 -21.68
CA VAL A 119 10.06 0.47 -20.79
C VAL A 119 10.68 1.61 -21.58
N THR A 120 10.79 1.39 -22.90
CA THR A 120 11.26 2.39 -23.84
C THR A 120 10.35 2.42 -25.07
N LEU A 121 10.10 3.63 -25.56
CA LEU A 121 9.34 3.82 -26.78
C LEU A 121 10.01 3.15 -27.97
N GLU A 122 11.35 3.24 -28.05
CA GLU A 122 12.07 2.55 -29.12
C GLU A 122 11.75 1.04 -29.13
N ARG A 123 11.87 0.39 -27.98
CA ARG A 123 11.52 -1.02 -27.82
C ARG A 123 10.05 -1.26 -28.19
N GLN A 124 9.12 -0.54 -27.54
CA GLN A 124 7.66 -0.68 -27.81
C GLN A 124 7.31 -0.54 -29.29
N MET A 125 7.95 0.38 -29.98
CA MET A 125 7.59 0.55 -31.36
C MET A 125 7.61 -0.70 -32.26
N LEU A 126 8.39 -1.73 -31.87
CA LEU A 126 8.49 -2.96 -32.68
C LEU A 126 7.16 -3.73 -32.80
N ASN A 127 6.33 -3.66 -31.74
CA ASN A 127 4.99 -4.27 -31.74
C ASN A 127 4.11 -3.71 -32.87
N PRO A 128 3.78 -2.37 -32.87
CA PRO A 128 2.95 -1.81 -33.94
C PRO A 128 3.52 -2.04 -35.36
N LEU A 129 4.84 -1.87 -35.49
CA LEU A 129 5.55 -2.12 -36.75
C LEU A 129 5.63 -3.58 -37.23
N PHE A 130 6.22 -4.45 -36.42
CA PHE A 130 6.56 -5.79 -36.91
C PHE A 130 5.72 -6.89 -36.31
N GLY A 131 4.98 -6.56 -35.25
CA GLY A 131 4.06 -7.52 -34.67
C GLY A 131 3.14 -8.01 -35.77
N ALA A 132 2.98 -9.32 -35.84
CA ALA A 132 1.76 -9.94 -36.32
C ALA A 132 1.07 -10.21 -34.99
N ASP A 133 0.01 -11.04 -35.02
CA ASP A 133 -0.74 -11.35 -33.79
C ASP A 133 -1.23 -10.08 -32.98
N PRO A 134 -2.12 -9.24 -33.58
CA PRO A 134 -2.50 -9.08 -34.98
C PRO A 134 -1.59 -8.05 -35.71
N ILE A 135 -1.64 -8.09 -37.05
CA ILE A 135 -0.96 -7.10 -37.88
C ILE A 135 -1.53 -5.68 -37.60
N GLU A 136 -0.65 -4.71 -37.37
CA GLU A 136 -1.05 -3.35 -37.14
C GLU A 136 -0.51 -2.48 -38.28
N MET A 137 0.78 -2.11 -38.22
CA MET A 137 1.45 -1.51 -39.38
C MET A 137 1.79 -2.50 -40.49
N GLY A 138 2.26 -3.69 -40.14
CA GLY A 138 2.34 -4.79 -41.11
C GLY A 138 3.68 -4.88 -41.79
N ALA A 139 4.74 -4.51 -41.07
CA ALA A 139 6.10 -4.59 -41.60
C ALA A 139 6.70 -5.95 -41.28
N SER A 140 6.99 -6.72 -42.33
CA SER A 140 7.68 -8.01 -42.19
C SER A 140 9.10 -7.94 -42.80
N ASP A 141 9.80 -9.06 -42.79
CA ASP A 141 11.06 -9.23 -43.57
C ASP A 141 10.81 -9.26 -45.08
N ALA A 142 9.67 -9.86 -45.46
CA ALA A 142 9.20 -9.91 -46.87
C ALA A 142 9.06 -8.53 -47.54
N ASN A 143 8.62 -7.52 -46.77
CA ASN A 143 8.44 -6.14 -47.28
C ASN A 143 9.33 -5.06 -46.63
N LYS A 144 10.10 -5.44 -45.61
CA LYS A 144 11.10 -4.57 -44.94
C LYS A 144 11.77 -3.51 -45.86
N ALA A 145 12.48 -4.00 -46.88
CA ALA A 145 13.27 -3.17 -47.77
C ALA A 145 12.38 -2.30 -48.64
N GLU A 146 11.31 -2.89 -49.16
CA GLU A 146 10.28 -2.19 -49.96
C GLU A 146 9.76 -0.89 -49.32
N ILE A 147 9.52 -0.93 -48.00
CA ILE A 147 9.04 0.23 -47.23
C ILE A 147 10.14 1.30 -47.21
N VAL A 148 11.34 0.90 -46.77
CA VAL A 148 12.49 1.80 -46.68
C VAL A 148 12.70 2.53 -48.02
N ALA A 149 12.87 1.77 -49.10
CA ALA A 149 12.98 2.33 -50.46
C ALA A 149 11.95 3.45 -50.75
N ARG A 150 10.71 3.28 -50.28
CA ARG A 150 9.68 4.32 -50.44
C ARG A 150 10.13 5.72 -49.93
N PHE A 151 10.93 5.72 -48.85
CA PHE A 151 11.48 6.96 -48.26
C PHE A 151 12.76 7.47 -48.97
N ARG A 152 13.64 6.54 -49.38
CA ARG A 152 14.78 6.84 -50.29
C ARG A 152 14.28 7.34 -51.66
N ALA A 153 13.20 6.77 -52.19
CA ALA A 153 12.58 7.26 -53.45
C ALA A 153 12.07 8.73 -53.38
N ASP A 154 12.10 9.32 -52.19
CA ASP A 154 11.51 10.63 -51.97
C ASP A 154 12.54 11.71 -51.69
N ALA A 155 12.39 12.81 -52.44
CA ALA A 155 13.20 14.05 -52.35
C ALA A 155 13.26 14.65 -50.92
N ASP A 156 12.08 15.00 -50.41
CA ASP A 156 11.94 15.65 -49.11
C ASP A 156 12.40 14.77 -47.96
N TYR A 157 12.18 13.49 -48.01
CA TYR A 157 12.64 12.62 -46.95
C TYR A 157 14.17 12.46 -46.91
N ARG A 158 14.83 12.65 -48.02
CA ARG A 158 16.25 12.53 -48.05
C ARG A 158 16.88 13.69 -47.31
N ARG A 159 16.40 14.90 -47.52
CA ARG A 159 16.85 16.06 -46.71
C ARG A 159 16.68 15.75 -45.21
N TRP A 160 15.44 15.43 -44.80
CA TRP A 160 15.07 15.26 -43.38
C TRP A 160 15.94 14.27 -42.60
N PHE A 161 15.99 13.01 -43.04
CA PHE A 161 16.85 12.01 -42.38
C PHE A 161 18.31 12.46 -42.35
N ALA A 162 18.80 12.92 -43.50
CA ALA A 162 20.15 13.50 -43.61
C ALA A 162 20.39 14.63 -42.58
N ALA A 163 19.53 15.65 -42.59
CA ALA A 163 19.59 16.78 -41.64
C ALA A 163 19.37 16.37 -40.17
N ALA A 164 18.67 15.27 -39.93
CA ALA A 164 18.37 14.79 -38.57
C ALA A 164 19.40 13.79 -38.04
N PHE A 165 19.98 13.02 -38.94
CA PHE A 165 21.00 12.05 -38.61
C PHE A 165 22.24 12.34 -39.48
N PRO A 166 22.97 13.42 -39.14
CA PRO A 166 24.07 13.85 -39.99
C PRO A 166 25.31 12.97 -39.89
N GLU A 167 25.46 12.27 -38.77
CA GLU A 167 26.64 11.44 -38.52
C GLU A 167 26.58 10.10 -39.24
N MET A 168 25.62 9.96 -40.17
CA MET A 168 25.34 8.65 -40.76
C MET A 168 25.52 8.58 -42.28
N SER A 169 26.21 7.53 -42.72
CA SER A 169 26.45 7.25 -44.13
C SER A 169 25.11 7.02 -44.85
N GLU A 170 24.39 5.96 -44.48
CA GLU A 170 23.01 5.75 -44.94
C GLU A 170 21.98 6.07 -43.81
N PRO A 171 21.33 7.25 -43.88
CA PRO A 171 20.50 7.61 -42.77
C PRO A 171 19.00 7.28 -42.94
N ILE A 172 18.58 6.54 -43.97
CA ILE A 172 17.23 5.98 -43.95
C ILE A 172 17.25 4.45 -43.72
N SER A 173 17.03 4.07 -42.46
CA SER A 173 16.77 2.67 -42.07
C SER A 173 15.56 2.60 -41.13
N PHE A 174 15.29 1.40 -40.62
CA PHE A 174 14.32 1.22 -39.55
C PHE A 174 14.82 1.71 -38.19
N ALA A 175 16.12 1.66 -37.93
CA ALA A 175 16.62 2.18 -36.62
C ALA A 175 16.43 3.70 -36.55
N THR A 176 16.57 4.34 -37.71
CA THR A 176 16.36 5.78 -37.93
C THR A 176 14.88 6.19 -37.92
N ILE A 177 14.01 5.34 -38.48
CA ILE A 177 12.58 5.56 -38.46
C ILE A 177 12.09 5.46 -37.02
N ILE A 178 12.57 4.47 -36.27
CA ILE A 178 12.13 4.30 -34.88
C ILE A 178 12.61 5.46 -34.03
N ALA A 179 13.85 5.85 -34.23
CA ALA A 179 14.44 6.90 -33.43
C ALA A 179 13.65 8.23 -33.61
N ALA A 180 13.23 8.50 -34.84
CA ALA A 180 12.58 9.76 -35.17
C ALA A 180 11.19 9.86 -34.53
N ILE A 181 10.35 8.88 -34.84
CA ILE A 181 9.03 8.74 -34.24
C ILE A 181 9.11 8.75 -32.70
N SER A 182 10.09 8.06 -32.13
CA SER A 182 10.29 8.13 -30.70
C SER A 182 10.51 9.55 -30.22
N ALA A 183 11.31 10.33 -30.96
CA ALA A 183 11.58 11.73 -30.60
C ALA A 183 10.29 12.55 -30.68
N PHE A 184 9.50 12.31 -31.74
CA PHE A 184 8.23 12.99 -31.89
C PHE A 184 7.33 12.76 -30.68
N GLN A 185 7.23 11.49 -30.28
CA GLN A 185 6.32 11.12 -29.20
C GLN A 185 6.69 11.79 -27.89
N ARG A 186 7.98 11.83 -27.57
CA ARG A 186 8.49 12.63 -26.44
C ARG A 186 8.24 14.15 -26.55
N GLY A 187 7.81 14.61 -27.70
CA GLY A 187 7.60 16.03 -27.87
C GLY A 187 6.13 16.33 -27.81
N VAL A 188 5.31 15.28 -27.71
CA VAL A 188 3.84 15.43 -27.67
C VAL A 188 3.31 15.59 -26.21
N TYR A 189 3.07 16.85 -25.79
CA TYR A 189 2.56 17.23 -24.45
C TYR A 189 2.27 18.71 -24.42
N SER A 190 1.38 19.15 -23.56
CA SER A 190 1.16 20.58 -23.27
C SER A 190 0.52 20.62 -21.92
N PHE A 191 1.17 21.12 -20.90
CA PHE A 191 0.57 20.88 -19.60
C PHE A 191 -0.42 22.03 -19.36
N ASP A 192 -1.55 21.90 -20.05
CA ASP A 192 -2.35 23.02 -20.49
C ASP A 192 -3.76 23.01 -19.93
N SER A 193 -4.08 21.96 -19.18
CA SER A 193 -5.41 21.75 -18.64
C SER A 193 -5.77 22.81 -17.59
N ARG A 194 -7.07 22.93 -17.35
CA ARG A 194 -7.60 23.73 -16.26
C ARG A 194 -7.04 23.27 -14.91
N TYR A 195 -6.85 21.95 -14.75
CA TYR A 195 -6.15 21.41 -13.59
C TYR A 195 -4.69 21.93 -13.46
N ASP A 196 -3.96 21.94 -14.58
CA ASP A 196 -2.58 22.50 -14.64
C ASP A 196 -2.49 23.98 -14.32
N HIS A 197 -3.48 24.74 -14.85
CA HIS A 197 -3.60 26.18 -14.57
C HIS A 197 -3.85 26.35 -13.08
N TYR A 198 -4.79 25.58 -12.54
CA TYR A 198 -5.07 25.58 -11.10
C TYR A 198 -3.82 25.37 -10.24
N LEU A 199 -3.01 24.36 -10.58
CA LEU A 199 -1.75 24.04 -9.88
C LEU A 199 -0.65 25.10 -10.01
N GLN A 200 -0.69 25.86 -11.10
CA GLN A 200 0.24 26.99 -11.31
C GLN A 200 -0.21 28.29 -10.63
N GLY A 201 -1.51 28.41 -10.38
CA GLY A 201 -2.10 29.62 -9.77
C GLY A 201 -2.75 30.59 -10.73
N GLU A 202 -2.68 30.34 -12.03
CA GLU A 202 -3.36 31.16 -13.03
C GLU A 202 -4.91 30.95 -13.06
N ALA A 203 -5.42 29.91 -12.40
CA ALA A 203 -6.88 29.63 -12.40
C ALA A 203 -7.42 29.20 -11.06
N GLN A 204 -8.68 29.55 -10.84
CA GLN A 204 -9.45 29.13 -9.69
C GLN A 204 -10.34 27.95 -10.13
N LEU A 205 -10.40 26.89 -9.34
CA LEU A 205 -11.34 25.81 -9.65
C LEU A 205 -12.73 26.15 -9.14
N THR A 206 -13.71 25.84 -9.99
CA THR A 206 -15.15 25.81 -9.66
C THR A 206 -15.47 25.14 -8.31
N GLU A 207 -16.64 25.49 -7.76
CA GLU A 207 -17.15 24.87 -6.52
C GLU A 207 -17.30 23.34 -6.65
N ALA A 208 -17.94 22.92 -7.74
CA ALA A 208 -18.04 21.50 -8.18
C ALA A 208 -16.69 20.78 -8.34
N GLU A 209 -15.79 21.47 -9.02
CA GLU A 209 -14.48 20.98 -9.36
C GLU A 209 -13.66 20.84 -8.11
N GLN A 210 -13.83 21.75 -7.14
CA GLN A 210 -13.12 21.69 -5.85
C GLN A 210 -13.57 20.50 -5.02
N ARG A 211 -14.86 20.22 -5.11
CA ARG A 211 -15.51 19.15 -4.37
C ARG A 211 -15.21 17.77 -4.95
N GLY A 212 -15.18 17.68 -6.29
CA GLY A 212 -14.60 16.53 -6.99
C GLY A 212 -13.11 16.33 -6.71
N HIS A 213 -12.39 17.43 -6.69
CA HIS A 213 -10.96 17.41 -6.43
C HIS A 213 -10.66 16.85 -5.04
N ASP A 214 -11.44 17.28 -4.05
CA ASP A 214 -11.20 16.87 -2.66
C ASP A 214 -11.56 15.41 -2.44
N LEU A 215 -12.55 14.93 -3.20
CA LEU A 215 -12.87 13.51 -3.27
C LEU A 215 -11.77 12.64 -3.88
N TYR A 216 -11.40 12.95 -5.12
CA TYR A 216 -10.27 12.36 -5.82
C TYR A 216 -9.04 12.19 -4.92
N PHE A 217 -8.66 13.24 -4.19
CA PHE A 217 -7.47 13.16 -3.29
C PHE A 217 -7.80 12.74 -1.86
N GLY A 218 -9.05 12.35 -1.61
CA GLY A 218 -9.49 11.84 -0.31
C GLY A 218 -9.48 10.31 -0.19
N GLU A 219 -9.20 9.80 1.03
CA GLU A 219 -9.25 8.36 1.37
C GLU A 219 -10.66 7.71 1.34
N LYS A 220 -11.66 8.40 0.80
CA LYS A 220 -12.94 7.77 0.43
C LYS A 220 -13.02 7.34 -1.07
N ALA A 221 -12.96 8.31 -1.99
CA ALA A 221 -12.88 7.98 -3.41
C ALA A 221 -11.61 7.17 -3.79
N GLU A 222 -10.46 7.55 -3.23
CA GLU A 222 -9.17 6.81 -3.34
C GLU A 222 -8.36 6.93 -4.69
N CYS A 223 -8.86 7.69 -5.65
CA CYS A 223 -8.22 7.83 -6.96
C CYS A 223 -6.78 8.30 -6.97
N HIS A 224 -6.31 8.94 -5.91
CA HIS A 224 -4.94 9.44 -5.88
C HIS A 224 -3.93 8.32 -5.65
N HIS A 225 -4.39 7.16 -5.19
CA HIS A 225 -3.52 5.99 -5.01
C HIS A 225 -2.89 5.55 -6.29
N CYS A 226 -3.68 5.61 -7.36
CA CYS A 226 -3.30 5.04 -8.64
C CYS A 226 -3.30 6.05 -9.80
N HIS A 227 -3.94 7.21 -9.59
CA HIS A 227 -4.10 8.26 -10.61
C HIS A 227 -3.74 9.63 -10.00
N GLY A 228 -2.79 9.62 -9.07
CA GLY A 228 -2.58 10.79 -8.20
C GLY A 228 -1.25 11.45 -8.32
N SER A 229 -0.46 10.99 -9.29
CA SER A 229 0.79 11.64 -9.67
C SER A 229 0.47 12.83 -10.60
N VAL A 230 1.43 13.72 -10.80
CA VAL A 230 1.35 14.79 -11.83
C VAL A 230 1.09 14.28 -13.29
N GLY A 231 1.43 13.02 -13.56
CA GLY A 231 0.95 12.30 -14.77
C GLY A 231 -0.47 11.72 -14.66
N LEU A 232 -1.09 11.80 -13.47
CA LEU A 232 -2.45 11.28 -13.19
C LEU A 232 -2.49 9.76 -13.46
N ASP A 233 -1.42 9.12 -13.00
CA ASP A 233 -1.16 7.69 -13.09
C ASP A 233 -0.36 7.37 -11.85
N ASP A 234 0.14 6.14 -11.71
CA ASP A 234 1.14 5.87 -10.67
C ASP A 234 2.44 5.29 -11.19
N GLN A 235 2.70 5.47 -12.48
CA GLN A 235 3.97 5.08 -13.13
C GLN A 235 4.72 6.29 -13.74
N PHE A 236 4.75 7.39 -13.00
CA PHE A 236 5.43 8.58 -13.47
C PHE A 236 6.92 8.38 -13.33
N VAL A 237 7.59 8.39 -14.49
CA VAL A 237 9.03 8.20 -14.54
C VAL A 237 9.67 9.37 -15.31
N HIS A 238 10.61 10.03 -14.66
CA HIS A 238 11.39 11.07 -15.33
C HIS A 238 12.87 10.68 -15.40
N ALA A 239 13.72 11.67 -15.66
CA ALA A 239 15.17 11.43 -15.79
C ALA A 239 15.94 11.37 -14.46
N ARG A 240 15.25 11.53 -13.32
CA ARG A 240 15.88 11.42 -12.01
C ARG A 240 15.37 10.25 -11.15
N THR A 241 14.22 9.69 -11.50
CA THR A 241 13.60 8.53 -10.85
C THR A 241 14.59 7.40 -10.55
N ARG A 242 14.81 7.12 -9.25
CA ARG A 242 15.52 5.92 -8.80
C ARG A 242 14.54 4.97 -8.14
N GLU A 243 14.81 3.66 -8.27
CA GLU A 243 13.97 2.56 -7.74
C GLU A 243 12.48 2.79 -8.07
N PRO A 244 12.10 2.59 -9.36
CA PRO A 244 10.78 3.01 -9.79
C PRO A 244 9.65 2.09 -9.27
N GLU A 245 8.56 2.73 -8.83
CA GLU A 245 7.26 2.14 -8.43
C GLU A 245 6.55 0.98 -9.19
N LEU A 246 6.05 1.28 -10.39
CA LEU A 246 5.54 0.30 -11.37
C LEU A 246 4.42 -0.70 -11.02
N PRO A 247 3.44 -0.32 -10.19
CA PRO A 247 2.44 -1.34 -9.86
C PRO A 247 1.36 -1.56 -10.95
N PHE A 248 0.59 -2.63 -10.78
CA PHE A 248 -0.51 -3.02 -11.66
C PHE A 248 -1.72 -3.41 -10.76
N HIS A 249 -2.96 -3.35 -11.28
CA HIS A 249 -4.12 -3.45 -10.41
C HIS A 249 -5.30 -4.15 -11.06
N ASN A 250 -5.89 -5.08 -10.34
CA ASN A 250 -7.16 -5.59 -10.76
C ASN A 250 -8.24 -4.67 -10.19
N THR A 251 -9.19 -4.25 -11.01
CA THR A 251 -10.22 -3.32 -10.56
C THR A 251 -11.63 -3.92 -10.56
N GLY A 252 -11.74 -5.23 -10.77
CA GLY A 252 -13.03 -5.90 -10.70
C GLY A 252 -13.98 -5.61 -11.84
N LEU A 253 -13.45 -5.58 -13.07
CA LEU A 253 -14.33 -5.47 -14.25
C LEU A 253 -15.06 -6.77 -14.61
N TYR A 254 -14.56 -7.89 -14.12
CA TYR A 254 -15.06 -9.18 -14.50
C TYR A 254 -14.72 -10.19 -13.41
N ASP A 255 -15.53 -11.25 -13.38
CA ASP A 255 -15.20 -12.50 -12.72
C ASP A 255 -15.90 -13.62 -13.49
N ILE A 256 -15.29 -14.13 -14.56
CA ILE A 256 -16.02 -14.99 -15.57
C ILE A 256 -16.37 -16.38 -15.01
N ASP A 257 -15.50 -16.88 -14.12
CA ASP A 257 -15.58 -18.25 -13.61
C ASP A 257 -15.97 -18.35 -12.14
N GLY A 258 -16.15 -17.19 -11.48
CA GLY A 258 -16.32 -17.14 -10.02
C GLY A 258 -15.01 -17.29 -9.27
N LYS A 259 -13.87 -17.29 -9.98
CA LYS A 259 -12.51 -17.35 -9.36
C LYS A 259 -11.62 -16.11 -9.65
N GLY A 260 -12.24 -15.08 -10.26
CA GLY A 260 -11.55 -13.83 -10.59
C GLY A 260 -10.96 -13.72 -11.99
N ALA A 261 -11.39 -14.60 -12.90
CA ALA A 261 -10.84 -14.64 -14.27
C ALA A 261 -11.44 -13.55 -15.13
N TYR A 262 -10.58 -12.86 -15.87
CA TYR A 262 -10.96 -11.93 -16.92
C TYR A 262 -11.12 -12.68 -18.23
N PRO A 263 -12.05 -12.25 -19.11
CA PRO A 263 -12.25 -13.03 -20.35
C PRO A 263 -11.02 -13.03 -21.29
N ALA A 264 -10.79 -14.13 -22.02
CA ALA A 264 -9.78 -14.14 -23.09
C ALA A 264 -10.27 -13.14 -24.16
N PRO A 265 -9.34 -12.39 -24.79
CA PRO A 265 -7.88 -12.51 -24.77
C PRO A 265 -7.15 -11.63 -23.75
N ASN A 266 -7.88 -10.96 -22.84
CA ASN A 266 -7.20 -10.00 -21.95
C ASN A 266 -7.06 -10.40 -20.49
N HIS A 267 -5.99 -11.12 -20.16
CA HIS A 267 -5.75 -11.47 -18.77
C HIS A 267 -4.92 -10.43 -18.00
N GLY A 268 -4.36 -9.46 -18.69
CA GLY A 268 -3.55 -8.48 -18.02
C GLY A 268 -2.19 -9.02 -17.73
N LEU A 269 -1.60 -8.57 -16.62
CA LEU A 269 -0.24 -8.95 -16.20
C LEU A 269 -0.02 -10.47 -16.26
N PHE A 270 -1.08 -11.26 -16.04
CA PHE A 270 -1.01 -12.72 -16.12
C PHE A 270 -0.43 -13.22 -17.44
N ASP A 271 -0.84 -12.60 -18.54
CA ASP A 271 -0.41 -12.99 -19.87
C ASP A 271 1.12 -12.96 -20.05
N ILE A 272 1.82 -12.32 -19.12
CA ILE A 272 3.27 -12.17 -19.23
C ILE A 272 4.04 -12.93 -18.15
N THR A 273 3.48 -13.03 -16.95
CA THR A 273 4.18 -13.69 -15.87
C THR A 273 3.72 -15.12 -15.70
N GLY A 274 2.47 -15.41 -16.04
CA GLY A 274 1.87 -16.72 -15.83
C GLY A 274 1.43 -16.97 -14.39
N ASP A 275 1.83 -16.09 -13.47
CA ASP A 275 1.41 -16.15 -12.09
C ASP A 275 -0.12 -15.96 -11.94
N PRO A 276 -0.84 -16.96 -11.39
CA PRO A 276 -2.32 -16.92 -11.32
C PRO A 276 -2.91 -15.71 -10.62
N ASP A 277 -2.19 -15.15 -9.66
CA ASP A 277 -2.76 -13.99 -8.97
C ASP A 277 -2.43 -12.63 -9.62
N ASP A 278 -1.93 -12.68 -10.86
CA ASP A 278 -1.84 -11.48 -11.69
C ASP A 278 -2.95 -11.39 -12.72
N MET A 279 -3.96 -12.23 -12.55
CA MET A 279 -5.11 -12.27 -13.42
C MET A 279 -5.96 -11.00 -13.24
N GLY A 280 -6.14 -10.30 -14.37
CA GLY A 280 -6.91 -9.07 -14.44
C GLY A 280 -6.19 -7.84 -13.92
N LYS A 281 -4.86 -7.89 -13.78
CA LYS A 281 -4.05 -6.72 -13.40
C LYS A 281 -3.55 -5.92 -14.60
N PHE A 282 -3.84 -4.62 -14.56
CA PHE A 282 -3.47 -3.67 -15.60
C PHE A 282 -2.72 -2.45 -15.09
N ARG A 283 -2.02 -1.76 -15.98
CA ARG A 283 -1.42 -0.45 -15.65
C ARG A 283 -2.60 0.54 -15.48
N ALA A 284 -2.54 1.40 -14.44
CA ALA A 284 -3.48 2.53 -14.30
C ALA A 284 -3.13 3.63 -15.28
N PRO A 285 -4.05 3.90 -16.24
CA PRO A 285 -3.82 4.91 -17.28
C PRO A 285 -3.80 6.33 -16.73
N SER A 286 -3.02 7.21 -17.38
CA SER A 286 -3.01 8.65 -17.12
C SER A 286 -4.39 9.20 -17.39
N LEU A 287 -4.84 10.12 -16.53
CA LEU A 287 -6.20 10.62 -16.68
C LEU A 287 -6.28 11.95 -17.38
N ARG A 288 -5.12 12.52 -17.68
CA ARG A 288 -5.03 13.59 -18.69
C ARG A 288 -5.82 13.23 -19.96
N ASN A 289 -6.73 14.12 -20.34
CA ASN A 289 -7.55 14.08 -21.55
C ASN A 289 -8.57 12.96 -21.54
N ILE A 290 -8.83 12.45 -20.33
CA ILE A 290 -9.79 11.40 -20.14
C ILE A 290 -11.16 11.73 -20.74
N ALA A 291 -11.61 12.97 -20.56
CA ALA A 291 -12.80 13.47 -21.25
C ALA A 291 -12.81 13.14 -22.75
N LEU A 292 -11.65 13.14 -23.41
CA LEU A 292 -11.59 12.99 -24.89
C LEU A 292 -11.31 11.54 -25.40
N THR A 293 -10.99 10.63 -24.48
CA THR A 293 -10.44 9.34 -24.91
C THR A 293 -11.38 8.13 -24.71
N ALA A 294 -12.66 8.35 -24.75
CA ALA A 294 -13.64 7.33 -24.65
C ALA A 294 -13.68 6.59 -25.92
N PRO A 295 -13.93 5.31 -25.85
CA PRO A 295 -14.22 4.42 -24.74
C PRO A 295 -13.09 4.09 -23.78
N TYR A 296 -13.52 3.55 -22.68
CA TYR A 296 -12.73 3.26 -21.52
C TYR A 296 -12.55 1.84 -21.09
N MET A 297 -11.45 1.67 -20.43
CA MET A 297 -10.91 0.41 -19.98
C MET A 297 -10.16 -0.32 -21.05
N HIS A 298 -9.31 -1.21 -20.59
CA HIS A 298 -8.44 -2.02 -21.44
C HIS A 298 -9.03 -2.57 -22.73
N ASP A 299 -10.30 -2.86 -22.73
CA ASP A 299 -11.02 -3.45 -23.88
C ASP A 299 -12.16 -2.54 -24.43
N GLY A 300 -12.28 -1.34 -23.87
CA GLY A 300 -13.28 -0.38 -24.33
C GLY A 300 -14.70 -0.67 -23.88
N SER A 301 -14.85 -1.54 -22.90
CA SER A 301 -16.14 -2.02 -22.46
C SER A 301 -16.92 -1.06 -21.51
N VAL A 302 -16.40 0.14 -21.23
CA VAL A 302 -17.18 1.12 -20.48
C VAL A 302 -17.32 2.38 -21.33
N ALA A 303 -18.52 2.63 -21.83
CA ALA A 303 -18.78 3.69 -22.83
C ALA A 303 -18.57 5.15 -22.37
N THR A 304 -18.79 5.42 -21.08
CA THR A 304 -18.81 6.82 -20.66
C THR A 304 -18.16 6.96 -19.31
N LEU A 305 -17.86 8.19 -18.91
CA LEU A 305 -17.23 8.43 -17.61
C LEU A 305 -18.23 8.34 -16.47
N GLU A 306 -19.52 8.50 -16.79
CA GLU A 306 -20.58 8.37 -15.79
C GLU A 306 -20.65 6.93 -15.33
N GLU A 307 -20.67 5.99 -16.29
CA GLU A 307 -20.62 4.55 -15.94
C GLU A 307 -19.33 4.12 -15.20
N VAL A 308 -18.21 4.80 -15.43
CA VAL A 308 -16.95 4.50 -14.74
C VAL A 308 -17.12 4.76 -13.25
N ILE A 309 -17.63 5.93 -12.91
CA ILE A 309 -17.86 6.30 -11.52
C ILE A 309 -18.91 5.42 -10.80
N ASP A 310 -20.04 5.15 -11.46
CA ASP A 310 -21.00 4.11 -11.04
C ASP A 310 -20.24 2.86 -10.58
N ILE A 311 -19.35 2.35 -11.44
CA ILE A 311 -18.53 1.17 -11.14
C ILE A 311 -17.60 1.33 -9.93
N TYR A 312 -16.89 2.44 -9.81
CA TYR A 312 -16.07 2.70 -8.61
C TYR A 312 -16.87 2.83 -7.33
N SER A 313 -18.08 3.39 -7.46
CA SER A 313 -19.01 3.57 -6.36
C SER A 313 -19.45 2.20 -5.76
N GLU A 314 -19.64 1.23 -6.64
CA GLU A 314 -20.09 -0.09 -6.24
C GLU A 314 -18.99 -1.07 -5.90
N GLY A 315 -17.74 -0.60 -5.98
CA GLY A 315 -16.57 -1.46 -5.76
C GLY A 315 -16.32 -2.46 -6.91
N GLY A 316 -16.92 -2.24 -8.07
CA GLY A 316 -16.75 -3.16 -9.18
C GLY A 316 -17.97 -3.23 -10.07
N ARG A 317 -17.82 -3.97 -11.17
CA ARG A 317 -18.85 -4.17 -12.16
C ARG A 317 -19.53 -5.54 -12.00
N LYS A 318 -20.86 -5.53 -12.18
CA LYS A 318 -21.60 -6.78 -12.28
C LYS A 318 -22.21 -6.89 -13.66
N ILE A 319 -21.88 -7.95 -14.36
CA ILE A 319 -22.43 -8.18 -15.65
C ILE A 319 -23.56 -9.16 -15.40
N ALA A 320 -24.76 -8.75 -15.74
CA ALA A 320 -25.91 -9.56 -15.51
C ALA A 320 -26.21 -10.56 -16.57
N SER A 321 -25.73 -10.28 -17.77
CA SER A 321 -26.07 -11.05 -18.94
C SER A 321 -24.93 -11.66 -19.76
N GLY A 322 -25.29 -12.66 -20.56
CA GLY A 322 -24.43 -13.57 -21.34
C GLY A 322 -23.04 -14.12 -21.10
N PRO A 323 -22.16 -14.11 -22.16
CA PRO A 323 -20.81 -14.76 -22.11
C PRO A 323 -19.84 -14.18 -21.07
N HIS A 324 -19.99 -12.88 -20.79
CA HIS A 324 -19.12 -12.13 -19.90
C HIS A 324 -19.67 -12.02 -18.46
N ALA A 325 -20.83 -12.64 -18.22
CA ALA A 325 -21.52 -12.58 -16.91
C ALA A 325 -20.67 -13.08 -15.76
N GLY A 326 -20.91 -12.48 -14.60
CA GLY A 326 -20.05 -12.65 -13.44
C GLY A 326 -20.07 -11.35 -12.66
N ASP A 327 -19.55 -11.35 -11.48
CA ASP A 327 -19.56 -10.18 -10.70
C ASP A 327 -18.17 -9.89 -10.19
N GLY A 328 -17.58 -8.78 -10.65
CA GLY A 328 -16.28 -8.35 -10.25
C GLY A 328 -16.17 -7.68 -8.91
N ARG A 329 -17.27 -7.22 -8.35
CA ARG A 329 -17.19 -6.64 -7.05
C ARG A 329 -16.69 -7.68 -6.11
N ALA A 330 -17.09 -8.91 -6.33
CA ALA A 330 -16.75 -10.06 -5.51
C ALA A 330 -15.57 -10.84 -5.90
N SER A 331 -14.78 -10.36 -6.79
CA SER A 331 -13.63 -11.07 -7.26
C SER A 331 -12.53 -11.18 -6.24
N ALA A 332 -11.87 -12.32 -6.20
CA ALA A 332 -10.71 -12.54 -5.32
C ALA A 332 -9.46 -11.73 -5.67
N LEU A 333 -9.31 -11.36 -6.94
CA LEU A 333 -8.06 -10.70 -7.32
C LEU A 333 -8.08 -9.18 -7.16
N LYS A 334 -9.29 -8.63 -7.00
CA LYS A 334 -9.56 -7.20 -6.88
C LYS A 334 -8.69 -6.49 -5.86
N SER A 335 -8.30 -5.26 -6.17
CA SER A 335 -7.35 -4.48 -5.35
C SER A 335 -7.94 -4.16 -3.99
N GLY A 336 -7.07 -4.16 -2.98
CA GLY A 336 -7.49 -3.72 -1.63
C GLY A 336 -8.25 -2.40 -1.57
N LEU A 337 -7.84 -1.46 -2.41
CA LEU A 337 -8.29 -0.08 -2.33
C LEU A 337 -9.64 0.22 -2.98
N ILE A 338 -10.17 -0.74 -3.74
CA ILE A 338 -11.49 -0.60 -4.33
C ILE A 338 -12.52 -1.34 -3.48
N VAL A 339 -13.26 -0.56 -2.69
CA VAL A 339 -14.39 -1.03 -1.86
C VAL A 339 -15.71 -0.42 -2.32
N LYS A 340 -16.83 -0.94 -1.82
CA LYS A 340 -18.10 -0.29 -2.03
C LYS A 340 -18.03 1.09 -1.34
N ILE A 341 -18.31 2.13 -2.11
CA ILE A 341 -18.24 3.53 -1.65
C ILE A 341 -19.48 4.18 -2.21
N ASP A 342 -20.52 4.22 -1.39
CA ASP A 342 -21.80 4.75 -1.80
C ASP A 342 -21.67 6.26 -1.95
N LEU A 343 -21.41 6.67 -3.19
CA LEU A 343 -21.36 8.09 -3.49
C LEU A 343 -22.71 8.51 -3.98
N THR A 344 -23.11 9.68 -3.50
CA THR A 344 -24.41 10.30 -3.81
C THR A 344 -24.36 10.86 -5.22
N ALA A 345 -25.51 11.16 -5.83
CA ALA A 345 -25.53 11.75 -7.19
C ALA A 345 -24.75 13.06 -7.25
N GLN A 346 -24.75 13.77 -6.14
CA GLN A 346 -24.00 15.02 -5.96
C GLN A 346 -22.51 14.74 -6.12
N GLU A 347 -21.95 13.91 -5.24
CA GLU A 347 -20.53 13.58 -5.23
C GLU A 347 -20.00 13.04 -6.57
N LYS A 348 -20.85 12.33 -7.29
CA LYS A 348 -20.52 11.76 -8.58
C LYS A 348 -20.38 12.85 -9.61
N ALA A 349 -21.37 13.72 -9.70
CA ALA A 349 -21.24 14.86 -10.60
C ALA A 349 -20.02 15.76 -10.29
N ASP A 350 -19.74 16.04 -9.02
CA ASP A 350 -18.56 16.85 -8.61
C ASP A 350 -17.25 16.20 -9.08
N LEU A 351 -17.15 14.88 -8.89
CA LEU A 351 -16.02 14.09 -9.37
C LEU A 351 -15.93 14.08 -10.89
N LEU A 352 -17.05 13.88 -11.60
CA LEU A 352 -17.10 14.04 -13.06
C LEU A 352 -16.70 15.44 -13.48
N ALA A 353 -17.11 16.45 -12.70
CA ALA A 353 -16.74 17.84 -12.98
C ALA A 353 -15.21 17.99 -12.92
N PHE A 354 -14.58 17.32 -11.96
CA PHE A 354 -13.14 17.43 -11.80
C PHE A 354 -12.36 16.72 -12.90
N LEU A 355 -12.91 15.63 -13.43
CA LEU A 355 -12.20 14.87 -14.45
C LEU A 355 -12.17 15.66 -15.73
N LYS A 356 -13.21 16.47 -15.98
CA LYS A 356 -13.28 17.35 -17.14
C LYS A 356 -12.30 18.53 -17.09
N THR A 357 -11.71 18.82 -15.93
CA THR A 357 -10.66 19.82 -15.86
C THR A 357 -9.30 19.29 -16.29
N LEU A 358 -9.27 18.06 -16.80
CA LEU A 358 -8.01 17.39 -17.10
C LEU A 358 -7.72 17.31 -18.59
N THR A 359 -8.60 17.89 -19.41
CA THR A 359 -8.41 18.09 -20.85
C THR A 359 -7.42 19.23 -21.11
N ASP A 360 -6.54 19.08 -22.10
CA ASP A 360 -5.65 20.16 -22.55
C ASP A 360 -6.32 21.08 -23.59
N GLU A 361 -6.06 22.38 -23.48
CA GLU A 361 -6.45 23.37 -24.50
C GLU A 361 -5.67 23.19 -25.82
N SER A 362 -4.34 23.29 -25.73
CA SER A 362 -3.41 23.27 -26.86
C SER A 362 -3.48 21.97 -27.68
N LEU A 363 -2.98 20.87 -27.07
CA LEU A 363 -2.85 19.53 -27.67
C LEU A 363 -3.76 19.18 -28.85
N ILE A 364 -5.06 19.40 -28.71
CA ILE A 364 -6.03 18.92 -29.69
C ILE A 364 -5.99 19.71 -30.98
N ALA A 365 -5.55 20.97 -30.92
CA ALA A 365 -5.56 21.86 -32.09
C ALA A 365 -4.23 22.53 -32.42
N SER A 366 -3.16 22.19 -31.71
CA SER A 366 -1.85 22.81 -31.98
C SER A 366 -1.28 22.40 -33.36
N PRO A 367 -0.84 23.38 -34.19
CA PRO A 367 -0.11 23.02 -35.44
C PRO A 367 1.09 22.07 -35.20
N ARG A 368 1.74 22.21 -34.05
CA ARG A 368 2.89 21.42 -33.70
C ARG A 368 2.69 19.91 -33.80
N PHE A 369 1.48 19.42 -33.52
CA PHE A 369 1.19 17.97 -33.55
C PHE A 369 0.19 17.60 -34.63
N SER A 370 -0.22 18.57 -35.42
CA SER A 370 -1.15 18.30 -36.51
C SER A 370 -0.50 17.49 -37.67
N ASP A 371 -1.35 16.75 -38.38
CA ASP A 371 -0.97 16.15 -39.64
C ASP A 371 -0.27 17.14 -40.61
N PRO A 372 1.03 16.90 -40.94
CA PRO A 372 1.72 17.83 -41.82
C PRO A 372 1.46 17.61 -43.33
N TRP A 373 0.78 16.53 -43.69
CA TRP A 373 0.48 16.23 -45.07
C TRP A 373 -0.83 16.87 -45.56
N ARG A 374 -1.46 17.66 -44.67
CA ARG A 374 -2.82 18.26 -44.84
C ARG A 374 -3.93 17.28 -44.42
N ALA B 25 10.23 -27.94 43.53
CA ALA B 25 11.18 -28.04 42.38
C ALA B 25 10.07 -27.10 41.84
N TRP B 26 10.24 -26.61 40.60
CA TRP B 26 9.33 -25.66 39.92
C TRP B 26 9.65 -26.11 38.48
N ASN B 27 8.64 -26.69 37.82
CA ASN B 27 8.74 -27.06 36.42
C ASN B 27 8.20 -26.02 35.45
N TRP B 28 8.89 -25.87 34.31
CA TRP B 28 8.48 -24.94 33.26
C TRP B 28 7.38 -25.45 32.34
N ASP B 29 7.50 -26.73 31.93
CA ASP B 29 6.53 -27.41 31.07
C ASP B 29 6.32 -26.54 29.83
N LEU B 30 7.40 -26.34 29.09
CA LEU B 30 7.44 -25.44 27.95
C LEU B 30 7.62 -26.20 26.68
N PRO B 31 6.98 -25.76 25.58
CA PRO B 31 7.16 -26.46 24.29
C PRO B 31 8.62 -26.45 23.79
N LYS B 32 8.96 -27.37 22.90
CA LYS B 32 10.30 -27.46 22.29
C LYS B 32 11.02 -26.11 21.99
N TYR B 33 10.26 -25.10 21.55
CA TYR B 33 10.80 -23.84 20.97
C TYR B 33 10.87 -22.63 21.91
N ILE B 34 10.59 -22.82 23.20
CA ILE B 34 10.57 -21.71 24.15
C ILE B 34 11.64 -21.99 25.20
N PRO B 35 12.82 -21.36 25.08
CA PRO B 35 13.73 -21.50 26.23
C PRO B 35 13.10 -20.92 27.50
N PRO B 36 13.51 -21.38 28.69
CA PRO B 36 12.98 -20.78 29.92
C PRO B 36 13.33 -19.33 30.00
N PRO B 37 12.60 -18.54 30.80
CA PRO B 37 12.86 -17.12 30.93
C PRO B 37 13.99 -16.77 31.93
N ARG B 38 14.47 -15.51 31.89
CA ARG B 38 15.37 -14.97 32.91
C ARG B 38 14.62 -14.70 34.22
N VAL B 39 14.97 -15.46 35.24
CA VAL B 39 14.49 -15.30 36.62
C VAL B 39 15.60 -14.53 37.33
N PRO B 40 15.28 -13.66 38.34
CA PRO B 40 16.36 -13.05 39.10
C PRO B 40 17.12 -14.06 39.93
N VAL B 41 18.31 -13.63 40.38
CA VAL B 41 19.15 -14.34 41.36
C VAL B 41 18.42 -14.48 42.72
N ASP B 42 17.75 -13.42 43.15
CA ASP B 42 17.17 -13.31 44.51
C ASP B 42 15.65 -13.52 44.58
N ASN B 43 15.04 -14.02 43.50
CA ASN B 43 13.64 -14.48 43.53
C ASN B 43 13.46 -15.87 42.88
N PRO B 44 13.81 -16.94 43.62
CA PRO B 44 13.66 -18.28 43.02
C PRO B 44 12.18 -18.59 42.78
N MET B 45 11.89 -19.25 41.66
CA MET B 45 10.51 -19.62 41.36
C MET B 45 10.04 -20.79 42.21
N SER B 46 8.91 -20.62 42.87
CA SER B 46 8.29 -21.73 43.58
C SER B 46 6.78 -21.69 43.34
N GLU B 47 6.15 -22.87 43.25
CA GLU B 47 4.71 -22.95 43.20
C GLU B 47 4.06 -22.18 44.33
N GLU B 48 4.62 -22.25 45.53
CA GLU B 48 3.96 -21.63 46.69
C GLU B 48 3.97 -20.11 46.54
N LYS B 49 4.96 -19.60 45.82
CA LYS B 49 5.07 -18.17 45.69
C LYS B 49 4.09 -17.65 44.66
N PHE B 50 4.01 -18.38 43.54
CA PHE B 50 2.97 -18.24 42.50
C PHE B 50 1.55 -18.11 43.09
N GLN B 51 1.18 -19.01 43.96
CA GLN B 51 -0.18 -18.98 44.50
C GLN B 51 -0.53 -17.74 45.30
N LEU B 52 0.43 -17.29 46.11
CA LEU B 52 0.34 -16.06 46.88
C LEU B 52 0.32 -14.83 45.96
N GLY B 53 1.22 -14.80 44.97
CA GLY B 53 1.17 -13.75 43.95
C GLY B 53 -0.21 -13.64 43.29
N ARG B 54 -0.77 -14.80 42.94
CA ARG B 54 -2.10 -14.87 42.36
C ARG B 54 -3.10 -14.17 43.25
N ARG B 55 -3.17 -14.56 44.53
CA ARG B 55 -4.10 -13.91 45.50
C ARG B 55 -3.89 -12.39 45.64
N LEU B 56 -2.62 -11.98 45.58
CA LEU B 56 -2.30 -10.58 45.64
C LEU B 56 -2.65 -9.83 44.36
N PHE B 57 -2.56 -10.54 43.23
CA PHE B 57 -2.87 -9.93 41.93
C PHE B 57 -4.33 -9.47 41.83
N TYR B 58 -5.19 -10.23 42.51
CA TYR B 58 -6.63 -10.06 42.55
C TYR B 58 -7.15 -9.43 43.84
N ASP B 59 -6.28 -8.86 44.68
CA ASP B 59 -6.75 -8.31 45.96
C ASP B 59 -6.92 -6.80 45.87
N LYS B 60 -8.13 -6.33 46.19
CA LYS B 60 -8.35 -4.88 46.26
C LYS B 60 -7.66 -4.34 47.51
N ARG B 61 -7.52 -5.15 48.56
CA ARG B 61 -6.79 -4.70 49.76
C ARG B 61 -5.31 -4.23 49.51
N LEU B 62 -4.67 -4.62 48.41
CA LEU B 62 -3.38 -4.02 48.05
C LEU B 62 -3.52 -2.59 47.51
N SER B 63 -4.73 -2.11 47.36
CA SER B 63 -4.92 -0.83 46.68
C SER B 63 -4.48 0.54 47.10
N GLY B 64 -4.84 0.95 48.29
CA GLY B 64 -4.51 2.30 48.67
C GLY B 64 -5.79 2.73 49.28
N ASN B 65 -6.87 2.64 48.53
CA ASN B 65 -8.21 2.88 48.99
C ASN B 65 -9.04 1.61 49.01
N GLY B 66 -8.46 0.52 48.56
CA GLY B 66 -9.16 -0.77 48.48
C GLY B 66 -10.16 -0.89 47.33
N THR B 67 -9.93 -0.16 46.24
CA THR B 67 -10.92 -0.05 45.17
C THR B 67 -10.48 -0.89 44.00
N LEU B 68 -9.17 -1.05 43.84
CA LEU B 68 -8.60 -1.70 42.67
C LEU B 68 -7.65 -2.81 43.01
N SER B 69 -7.68 -3.88 42.23
CA SER B 69 -6.60 -4.85 42.23
C SER B 69 -5.78 -4.58 40.97
N CYS B 70 -4.71 -5.32 40.76
CA CYS B 70 -4.01 -5.38 39.47
C CYS B 70 -4.92 -5.84 38.34
N SER B 71 -5.84 -6.75 38.69
CA SER B 71 -6.71 -7.37 37.75
C SER B 71 -7.83 -6.41 37.31
N SER B 72 -8.11 -5.34 38.05
CA SER B 72 -9.03 -4.28 37.57
C SER B 72 -8.70 -3.72 36.19
N CYS B 73 -7.44 -3.88 35.77
CA CYS B 73 -6.95 -3.45 34.46
C CYS B 73 -6.33 -4.58 33.61
N HIS B 74 -6.19 -5.75 34.21
CA HIS B 74 -5.63 -6.87 33.54
C HIS B 74 -6.54 -8.06 33.85
N LEU B 75 -7.71 -8.09 33.22
CA LEU B 75 -8.71 -9.16 33.43
C LEU B 75 -8.39 -10.44 32.65
N GLN B 76 -8.51 -11.60 33.30
CA GLN B 76 -8.28 -12.91 32.66
C GLN B 76 -9.06 -13.09 31.37
N GLU B 77 -10.33 -12.70 31.38
CA GLU B 77 -11.25 -12.90 30.22
C GLU B 77 -10.81 -12.18 28.91
N ARG B 78 -10.00 -11.13 29.03
CA ARG B 78 -9.37 -10.46 27.87
C ARG B 78 -7.86 -10.62 27.79
N ALA B 79 -7.40 -11.84 28.10
CA ALA B 79 -5.97 -12.15 28.18
C ALA B 79 -5.15 -11.14 29.02
N PHE B 80 -5.70 -10.73 30.15
CA PHE B 80 -5.06 -9.80 31.10
C PHE B 80 -4.83 -8.41 30.54
N THR B 81 -5.90 -7.92 29.93
CA THR B 81 -6.03 -6.55 29.48
C THR B 81 -7.41 -6.07 29.98
N ASP B 82 -7.88 -4.89 29.60
CA ASP B 82 -9.14 -4.38 30.14
C ASP B 82 -10.26 -3.91 29.17
N GLY B 83 -10.03 -4.05 27.86
CA GLY B 83 -11.00 -3.67 26.83
C GLY B 83 -11.28 -2.18 26.70
N ARG B 84 -10.51 -1.36 27.38
CA ARG B 84 -10.80 0.06 27.36
C ARG B 84 -9.71 0.71 26.56
N THR B 85 -9.99 1.90 26.00
CA THR B 85 -9.02 2.66 25.23
C THR B 85 -7.83 2.91 26.13
N VAL B 86 -8.11 3.43 27.33
CA VAL B 86 -7.10 3.70 28.35
C VAL B 86 -7.70 3.22 29.68
N SER B 87 -6.87 2.96 30.68
CA SER B 87 -7.36 2.49 31.96
C SER B 87 -7.69 3.64 32.95
N ILE B 88 -8.44 3.30 34.00
CA ILE B 88 -8.95 4.25 34.98
C ILE B 88 -8.33 3.83 36.28
N GLY B 89 -7.55 4.74 36.88
CA GLY B 89 -6.93 4.52 38.16
C GLY B 89 -7.90 4.45 39.33
N SER B 90 -7.37 4.05 40.50
CA SER B 90 -8.12 4.05 41.78
C SER B 90 -8.74 5.39 42.18
N THR B 91 -8.17 6.52 41.81
CA THR B 91 -8.84 7.83 42.07
C THR B 91 -9.60 8.43 40.87
N GLY B 92 -9.90 7.61 39.85
CA GLY B 92 -10.74 8.00 38.73
C GLY B 92 -9.96 8.67 37.60
N ALA B 93 -8.63 8.68 37.67
CA ALA B 93 -7.82 9.30 36.61
C ALA B 93 -7.46 8.29 35.54
N LYS B 94 -7.40 8.79 34.30
CA LYS B 94 -7.12 8.00 33.13
C LYS B 94 -5.63 7.86 32.92
N THR B 95 -5.19 6.68 32.51
CA THR B 95 -3.79 6.47 32.14
C THR B 95 -3.48 7.13 30.79
N PRO B 96 -2.19 7.43 30.50
CA PRO B 96 -1.92 7.99 29.18
C PRO B 96 -2.01 6.96 28.06
N ARG B 97 -1.87 5.67 28.41
CA ARG B 97 -1.75 4.59 27.44
C ARG B 97 -2.62 3.33 27.70
N ASN B 98 -2.95 2.61 26.63
CA ASN B 98 -3.63 1.31 26.68
C ASN B 98 -2.89 0.29 27.57
N ALA B 99 -3.60 -0.39 28.48
CA ALA B 99 -2.92 -1.45 29.28
C ALA B 99 -2.62 -2.75 28.48
N PRO B 100 -1.32 -3.10 28.31
CA PRO B 100 -0.96 -4.30 27.56
C PRO B 100 -1.14 -5.57 28.41
N SER B 101 -0.80 -6.70 27.84
CA SER B 101 -1.04 -7.95 28.50
C SER B 101 0.10 -8.29 29.45
N ILE B 102 -0.23 -8.66 30.67
CA ILE B 102 0.78 -9.24 31.55
C ILE B 102 1.23 -10.67 31.16
N ALA B 103 0.39 -11.41 30.44
CA ALA B 103 0.72 -12.78 30.03
C ALA B 103 1.96 -12.79 29.16
N TYR B 104 2.87 -13.72 29.43
CA TYR B 104 4.20 -13.76 28.76
C TYR B 104 5.19 -12.64 29.11
N SER B 105 4.80 -11.67 29.95
CA SER B 105 5.72 -10.60 30.37
C SER B 105 7.12 -11.09 30.79
N GLY B 106 7.16 -12.24 31.45
CA GLY B 106 8.40 -12.93 31.81
C GLY B 106 9.50 -12.95 30.77
N TRP B 107 9.14 -13.13 29.50
CA TRP B 107 10.12 -13.18 28.43
C TRP B 107 10.26 -11.88 27.66
N HIS B 108 9.77 -10.76 28.22
CA HIS B 108 9.78 -9.46 27.51
C HIS B 108 11.04 -8.70 27.87
N GLY B 109 11.87 -8.44 26.86
CA GLY B 109 13.10 -7.63 27.03
C GLY B 109 12.86 -6.28 27.71
N THR B 110 11.96 -5.52 27.10
CA THR B 110 11.46 -4.24 27.59
C THR B 110 10.06 -4.48 28.17
N LEU B 111 9.68 -3.86 29.26
CA LEU B 111 8.38 -4.12 29.83
C LEU B 111 7.81 -2.73 29.57
N THR B 112 6.52 -2.62 29.48
CA THR B 112 5.97 -1.29 29.12
C THR B 112 6.04 -0.92 27.62
N TRP B 113 5.37 0.17 27.26
CA TRP B 113 5.20 0.62 25.86
C TRP B 113 6.45 1.15 25.17
N ALA B 114 7.15 2.05 25.87
CA ALA B 114 8.33 2.78 25.36
C ALA B 114 9.21 3.20 26.56
N ASN B 115 9.92 2.22 27.13
CA ASN B 115 10.88 2.45 28.22
C ASN B 115 12.01 1.37 28.30
N PRO B 116 13.10 1.57 27.53
CA PRO B 116 14.33 0.75 27.56
C PRO B 116 14.97 0.46 28.92
N ALA B 117 14.66 1.25 29.94
CA ALA B 117 15.27 1.06 31.26
C ALA B 117 14.48 0.11 32.17
N LEU B 118 13.28 -0.29 31.72
CA LEU B 118 12.53 -1.37 32.40
C LEU B 118 12.78 -2.74 31.75
N VAL B 119 13.32 -3.65 32.57
CA VAL B 119 13.81 -4.96 32.13
C VAL B 119 13.48 -5.99 33.23
N THR B 120 12.96 -5.52 34.36
CA THR B 120 12.61 -6.38 35.52
C THR B 120 11.21 -6.11 36.06
N LEU B 121 10.43 -7.19 36.20
CA LEU B 121 9.04 -7.15 36.67
C LEU B 121 8.94 -6.55 38.06
N GLU B 122 10.01 -6.68 38.83
CA GLU B 122 10.10 -6.11 40.17
C GLU B 122 10.19 -4.59 40.15
N ARG B 123 11.02 -4.01 39.28
CA ARG B 123 11.12 -2.55 39.27
C ARG B 123 9.91 -1.90 38.57
N GLN B 124 9.56 -2.40 37.38
CA GLN B 124 8.30 -2.05 36.65
C GLN B 124 7.10 -1.94 37.58
N MET B 125 6.90 -2.97 38.39
CA MET B 125 5.81 -2.98 39.34
C MET B 125 5.70 -1.71 40.17
N LEU B 126 6.81 -1.01 40.41
CA LEU B 126 6.78 0.24 41.24
C LEU B 126 6.08 1.43 40.57
N ASN B 127 5.83 1.36 39.26
CA ASN B 127 5.01 2.39 38.56
C ASN B 127 3.52 2.28 38.92
N PRO B 128 2.91 1.07 38.77
CA PRO B 128 1.55 0.77 39.25
C PRO B 128 1.24 1.16 40.69
N LEU B 129 2.07 0.68 41.63
CA LEU B 129 2.02 1.14 43.02
C LEU B 129 2.02 2.50 43.75
N PHE B 130 2.87 3.45 43.34
CA PHE B 130 2.97 4.82 44.00
C PHE B 130 2.83 5.59 42.66
N GLY B 131 1.85 6.52 42.63
CA GLY B 131 1.29 7.00 41.38
C GLY B 131 1.97 8.21 40.83
N ALA B 132 3.24 8.04 40.47
CA ALA B 132 3.98 9.09 39.76
C ALA B 132 3.21 9.32 38.45
N ASP B 133 3.04 10.59 38.09
CA ASP B 133 1.99 11.04 37.14
C ASP B 133 0.64 10.47 37.63
N PRO B 134 -0.12 9.69 36.79
CA PRO B 134 -1.50 9.36 37.18
C PRO B 134 -1.56 8.20 38.18
N ILE B 135 -2.32 8.38 39.26
CA ILE B 135 -2.42 7.34 40.28
C ILE B 135 -3.09 6.10 39.72
N GLU B 136 -2.48 4.94 39.98
CA GLU B 136 -3.03 3.66 39.58
C GLU B 136 -3.45 2.86 40.82
N MET B 137 -2.49 2.28 41.52
CA MET B 137 -2.83 1.62 42.76
C MET B 137 -2.83 2.59 43.94
N GLY B 138 -1.93 3.58 43.94
CA GLY B 138 -1.89 4.61 44.97
C GLY B 138 -1.37 4.27 46.33
N ALA B 139 -0.20 3.70 46.39
CA ALA B 139 0.33 3.26 47.66
C ALA B 139 0.84 4.36 48.59
N SER B 140 1.85 5.07 48.14
CA SER B 140 2.53 6.19 48.82
C SER B 140 3.43 6.64 49.98
N ASP B 141 4.53 5.92 50.24
CA ASP B 141 5.43 6.36 51.33
C ASP B 141 4.57 7.08 52.32
N ALA B 142 3.56 6.34 52.63
CA ALA B 142 2.38 6.43 53.43
C ALA B 142 1.62 5.11 52.94
N ASN B 143 0.44 4.87 53.46
CA ASN B 143 -0.21 3.59 53.19
C ASN B 143 0.65 2.34 53.51
N LYS B 144 1.73 2.50 54.27
CA LYS B 144 2.31 1.32 54.90
C LYS B 144 1.41 0.85 56.05
N ALA B 145 0.12 1.16 55.89
CA ALA B 145 -0.96 0.72 56.76
C ALA B 145 -1.66 -0.52 56.17
N GLU B 146 -0.85 -1.45 55.63
CA GLU B 146 -1.18 -2.90 55.55
C GLU B 146 0.08 -3.77 55.50
N ILE B 172 3.17 -9.97 55.48
CA ILE B 172 3.85 -8.70 55.79
C ILE B 172 5.25 -8.50 55.14
N SER B 173 5.49 -7.24 54.74
CA SER B 173 6.67 -6.73 53.98
C SER B 173 6.51 -6.41 52.49
N PHE B 174 6.69 -5.14 52.12
CA PHE B 174 6.50 -4.72 50.74
C PHE B 174 7.32 -5.17 49.56
N ALA B 175 8.60 -5.44 49.77
CA ALA B 175 9.40 -6.00 48.69
C ALA B 175 9.14 -7.52 48.56
N THR B 176 8.46 -8.12 49.54
CA THR B 176 8.02 -9.52 49.41
C THR B 176 6.79 -9.55 48.48
N ILE B 177 5.83 -8.67 48.78
CA ILE B 177 4.61 -8.46 47.97
C ILE B 177 4.96 -8.33 46.48
N ILE B 178 5.96 -7.50 46.16
CA ILE B 178 6.40 -7.33 44.78
C ILE B 178 6.94 -8.65 44.23
N ALA B 179 7.73 -9.38 45.00
CA ALA B 179 8.34 -10.61 44.43
C ALA B 179 7.32 -11.73 44.25
N ALA B 180 6.37 -11.84 45.18
CA ALA B 180 5.19 -12.70 45.03
C ALA B 180 4.51 -12.45 43.66
N ILE B 181 3.97 -11.24 43.51
CA ILE B 181 3.26 -10.83 42.32
C ILE B 181 4.10 -11.06 41.06
N SER B 182 5.40 -10.79 41.15
CA SER B 182 6.30 -11.01 40.01
C SER B 182 6.51 -12.50 39.74
N ALA B 183 6.43 -13.31 40.80
CA ALA B 183 6.49 -14.77 40.67
C ALA B 183 5.25 -15.29 39.95
N PHE B 184 4.10 -14.62 40.20
CA PHE B 184 2.85 -14.96 39.54
C PHE B 184 2.98 -14.70 38.05
N GLN B 185 3.55 -13.54 37.73
CA GLN B 185 3.60 -13.06 36.38
C GLN B 185 4.51 -13.85 35.51
N ARG B 186 5.53 -14.48 36.08
CA ARG B 186 6.42 -15.33 35.25
C ARG B 186 5.75 -16.65 34.95
N GLY B 187 4.75 -17.02 35.73
CA GLY B 187 4.01 -18.26 35.51
C GLY B 187 2.78 -18.20 34.61
N VAL B 188 2.42 -16.98 34.13
CA VAL B 188 1.21 -16.73 33.32
C VAL B 188 1.50 -16.86 31.82
N TYR B 189 1.43 -18.11 31.35
CA TYR B 189 1.65 -18.43 29.96
C TYR B 189 0.98 -19.77 29.73
N SER B 190 0.70 -20.09 28.49
CA SER B 190 0.35 -21.45 28.08
C SER B 190 0.76 -21.38 26.64
N PHE B 191 0.99 -22.47 25.97
CA PHE B 191 1.33 -22.21 24.60
C PHE B 191 0.48 -23.16 23.84
N ASP B 192 -0.77 -22.75 23.64
CA ASP B 192 -1.84 -23.68 23.23
C ASP B 192 -2.89 -23.07 22.33
N SER B 193 -2.53 -21.95 21.70
CA SER B 193 -3.26 -21.40 20.57
C SER B 193 -3.23 -22.40 19.38
N ARG B 194 -4.18 -22.28 18.44
CA ARG B 194 -4.15 -23.13 17.23
C ARG B 194 -2.82 -23.05 16.54
N TYR B 195 -2.15 -21.90 16.65
CA TYR B 195 -0.82 -21.71 16.05
C TYR B 195 0.25 -22.52 16.76
N ASP B 196 0.20 -22.54 18.08
CA ASP B 196 1.15 -23.32 18.83
C ASP B 196 1.00 -24.80 18.52
N HIS B 197 -0.25 -25.29 18.49
CA HIS B 197 -0.56 -26.64 18.04
C HIS B 197 -0.12 -26.96 16.60
N TYR B 198 -0.10 -25.95 15.72
CA TYR B 198 0.49 -26.09 14.38
C TYR B 198 2.00 -26.28 14.44
N LEU B 199 2.67 -25.40 15.19
CA LEU B 199 4.11 -25.47 15.40
C LEU B 199 4.61 -26.76 16.09
N GLN B 200 3.73 -27.69 16.42
CA GLN B 200 4.11 -28.85 17.23
C GLN B 200 3.71 -30.20 16.59
N GLY B 201 2.41 -30.42 16.37
CA GLY B 201 1.90 -31.79 16.16
C GLY B 201 0.47 -31.94 15.68
N GLU B 202 -0.49 -31.36 16.41
CA GLU B 202 -1.91 -31.28 15.96
C GLU B 202 -2.10 -30.18 14.86
N ALA B 203 -1.16 -30.16 13.92
CA ALA B 203 -0.86 -29.04 13.03
C ALA B 203 -1.80 -28.86 11.84
N GLN B 204 -3.09 -28.65 12.06
CA GLN B 204 -3.93 -28.45 10.88
C GLN B 204 -4.56 -27.07 10.77
N LEU B 205 -3.80 -26.12 10.25
CA LEU B 205 -4.36 -24.80 9.95
C LEU B 205 -5.33 -24.89 8.75
N THR B 206 -6.50 -24.26 8.92
CA THR B 206 -7.44 -23.95 7.84
C THR B 206 -6.71 -23.35 6.62
N GLU B 207 -7.26 -23.58 5.43
CA GLU B 207 -6.64 -23.11 4.18
C GLU B 207 -6.57 -21.56 4.17
N ALA B 208 -7.63 -20.91 4.64
CA ALA B 208 -7.64 -19.45 4.93
C ALA B 208 -6.50 -19.01 5.88
N GLU B 209 -6.34 -19.72 7.00
CA GLU B 209 -5.32 -19.38 8.00
C GLU B 209 -3.92 -19.65 7.53
N GLN B 210 -3.80 -20.56 6.57
CA GLN B 210 -2.51 -20.93 5.99
C GLN B 210 -1.98 -19.85 5.04
N ARG B 211 -2.89 -19.33 4.22
CA ARG B 211 -2.58 -18.20 3.37
C ARG B 211 -2.09 -17.03 4.23
N GLY B 212 -2.95 -16.67 5.20
CA GLY B 212 -2.59 -15.71 6.22
C GLY B 212 -1.22 -15.91 6.85
N HIS B 213 -0.93 -17.17 7.25
CA HIS B 213 0.38 -17.55 7.83
C HIS B 213 1.52 -17.13 6.88
N ASP B 214 1.43 -17.59 5.65
CA ASP B 214 2.49 -17.39 4.66
C ASP B 214 2.69 -15.95 4.26
N LEU B 215 1.62 -15.14 4.27
CA LEU B 215 1.74 -13.65 4.09
C LEU B 215 2.53 -13.02 5.22
N TYR B 216 2.07 -13.28 6.46
CA TYR B 216 2.70 -12.78 7.70
C TYR B 216 4.20 -13.11 7.75
N PHE B 217 4.56 -14.32 7.33
CA PHE B 217 5.95 -14.75 7.36
C PHE B 217 6.78 -14.54 6.06
N GLY B 218 6.09 -14.35 4.92
CA GLY B 218 6.72 -13.96 3.65
C GLY B 218 7.14 -12.50 3.65
N GLU B 219 7.85 -12.07 2.60
CA GLU B 219 8.34 -10.68 2.50
C GLU B 219 7.34 -9.80 1.68
N LYS B 220 6.08 -10.22 1.65
CA LYS B 220 5.02 -9.48 0.97
C LYS B 220 4.11 -8.71 1.95
N ALA B 221 3.84 -9.30 3.12
CA ALA B 221 3.15 -8.57 4.20
C ALA B 221 4.08 -8.03 5.30
N GLU B 222 5.20 -8.73 5.56
CA GLU B 222 6.38 -8.22 6.32
C GLU B 222 6.37 -8.28 7.85
N CYS B 223 5.27 -8.77 8.44
CA CYS B 223 5.08 -8.75 9.91
C CYS B 223 6.16 -9.49 10.69
N HIS B 224 6.79 -10.49 10.03
CA HIS B 224 7.80 -11.32 10.67
C HIS B 224 9.02 -10.49 11.02
N HIS B 225 9.21 -9.35 10.38
CA HIS B 225 10.36 -8.50 10.73
C HIS B 225 10.25 -7.97 12.15
N CYS B 226 9.01 -7.87 12.64
CA CYS B 226 8.75 -7.29 13.94
C CYS B 226 7.99 -8.11 14.95
N HIS B 227 7.08 -8.94 14.47
CA HIS B 227 6.34 -9.86 15.34
C HIS B 227 6.71 -11.30 14.93
N GLY B 228 8.01 -11.52 14.78
CA GLY B 228 8.52 -12.70 14.09
C GLY B 228 9.21 -13.69 14.99
N SER B 229 9.51 -13.25 16.21
CA SER B 229 10.03 -14.16 17.22
C SER B 229 8.98 -15.21 17.63
N VAL B 230 9.35 -16.10 18.54
CA VAL B 230 8.43 -17.11 19.06
C VAL B 230 7.57 -16.54 20.21
N GLY B 231 7.90 -15.31 20.59
CA GLY B 231 7.00 -14.49 21.40
C GLY B 231 6.05 -13.68 20.51
N LEU B 232 6.20 -13.81 19.19
CA LEU B 232 5.47 -13.02 18.18
C LEU B 232 5.67 -11.53 18.36
N ASP B 233 6.91 -11.20 18.73
CA ASP B 233 7.40 -9.84 18.93
C ASP B 233 8.83 -9.79 18.34
N ASP B 234 9.67 -8.87 18.82
CA ASP B 234 11.08 -8.87 18.46
C ASP B 234 12.01 -8.64 19.64
N GLN B 235 11.46 -8.57 20.83
CA GLN B 235 12.27 -8.32 22.02
C GLN B 235 12.24 -9.50 22.98
N PHE B 236 12.24 -10.69 22.38
CA PHE B 236 12.08 -11.96 23.09
C PHE B 236 13.37 -12.34 23.79
N VAL B 237 13.41 -12.24 25.12
CA VAL B 237 14.59 -12.60 25.91
C VAL B 237 14.38 -13.84 26.79
N HIS B 238 15.34 -14.77 26.74
CA HIS B 238 15.30 -16.00 27.58
C HIS B 238 16.41 -16.03 28.65
N ALA B 239 16.60 -17.16 29.30
CA ALA B 239 17.57 -17.27 30.42
C ALA B 239 19.00 -16.90 29.99
N ARG B 240 19.36 -17.35 28.78
CA ARG B 240 20.72 -17.30 28.26
C ARG B 240 20.91 -16.16 27.26
N THR B 241 19.87 -15.32 27.11
CA THR B 241 19.98 -14.06 26.38
C THR B 241 20.70 -13.02 27.25
N ARG B 242 21.87 -12.61 26.78
CA ARG B 242 22.71 -11.63 27.46
C ARG B 242 22.85 -10.47 26.53
N GLU B 243 22.72 -9.26 27.08
CA GLU B 243 22.88 -7.98 26.36
C GLU B 243 22.14 -7.95 24.99
N PRO B 244 20.79 -8.10 25.05
CA PRO B 244 19.99 -8.28 23.83
C PRO B 244 19.89 -7.02 22.98
N GLU B 245 19.49 -7.20 21.72
CA GLU B 245 19.24 -6.07 20.82
C GLU B 245 17.75 -5.77 20.88
N LEU B 246 17.42 -4.53 21.19
CA LEU B 246 16.07 -4.16 21.52
C LEU B 246 15.45 -3.06 20.63
N PRO B 247 14.85 -3.42 19.46
CA PRO B 247 14.28 -2.42 18.51
C PRO B 247 13.11 -1.61 19.08
N PHE B 248 12.85 -0.46 18.46
CA PHE B 248 11.66 0.35 18.71
C PHE B 248 11.30 0.93 17.36
N HIS B 249 10.04 1.16 17.08
CA HIS B 249 9.67 1.55 15.71
C HIS B 249 8.67 2.66 15.67
N ASN B 250 8.65 3.36 14.56
CA ASN B 250 7.64 4.35 14.31
C ASN B 250 6.85 3.88 13.14
N THR B 251 5.58 3.60 13.39
CA THR B 251 4.70 2.97 12.38
C THR B 251 3.92 3.99 11.60
N GLY B 252 4.11 5.25 11.98
CA GLY B 252 3.38 6.37 11.39
C GLY B 252 1.88 6.27 11.53
N LEU B 253 1.43 6.29 12.77
CA LEU B 253 0.01 6.45 13.08
C LEU B 253 -0.25 7.97 13.16
N TYR B 254 0.81 8.75 13.29
CA TYR B 254 0.70 10.19 13.46
C TYR B 254 1.82 11.00 12.80
N ASP B 255 1.45 12.23 12.40
CA ASP B 255 2.37 13.33 12.05
C ASP B 255 1.61 14.65 11.92
N ILE B 256 1.75 15.55 12.87
CA ILE B 256 1.08 16.84 12.76
C ILE B 256 1.87 17.82 11.87
N ASP B 257 3.15 17.94 12.21
CA ASP B 257 4.08 18.83 11.55
C ASP B 257 5.39 18.53 10.80
N GLY B 258 6.10 17.51 11.26
CA GLY B 258 7.33 17.05 10.69
C GLY B 258 8.02 16.34 11.82
N ALA B 261 5.85 13.87 14.03
CA ALA B 261 5.75 13.99 15.48
C ALA B 261 4.38 13.56 16.07
N TYR B 262 4.41 13.06 17.31
CA TYR B 262 3.27 12.38 17.96
C TYR B 262 2.54 13.25 19.00
N PRO B 263 1.23 12.99 19.18
CA PRO B 263 0.51 14.00 19.92
C PRO B 263 0.42 13.71 21.41
N ALA B 264 -0.50 14.46 22.04
CA ALA B 264 -1.06 14.20 23.38
C ALA B 264 0.05 13.99 24.42
N PRO B 265 -0.01 12.93 25.25
CA PRO B 265 1.16 12.81 26.13
C PRO B 265 2.15 11.74 25.64
N ASN B 266 1.96 11.21 24.42
CA ASN B 266 2.69 9.99 23.99
C ASN B 266 3.65 10.19 22.82
N HIS B 267 4.92 10.32 23.16
CA HIS B 267 5.95 10.73 22.19
C HIS B 267 6.87 9.57 21.88
N GLY B 268 6.65 8.43 22.54
CA GLY B 268 7.42 7.22 22.32
C GLY B 268 8.67 7.16 23.15
N LEU B 269 9.76 6.80 22.49
CA LEU B 269 11.09 6.80 23.08
C LEU B 269 11.52 8.20 23.56
N PHE B 270 11.23 9.21 22.73
CA PHE B 270 11.56 10.63 23.01
C PHE B 270 11.30 11.08 24.47
N ASP B 271 10.29 10.52 25.12
CA ASP B 271 9.92 10.89 26.48
C ASP B 271 10.90 10.38 27.52
N ILE B 272 11.66 9.36 27.16
CA ILE B 272 12.67 8.83 28.08
C ILE B 272 14.10 9.20 27.66
N THR B 273 14.42 9.13 26.36
CA THR B 273 15.73 9.62 25.88
C THR B 273 15.77 11.16 25.86
N GLY B 274 15.12 11.76 24.85
CA GLY B 274 15.20 13.19 24.65
C GLY B 274 15.71 13.48 23.25
N ASP B 275 16.35 12.48 22.67
CA ASP B 275 16.73 12.42 21.25
C ASP B 275 15.47 12.59 20.35
N PRO B 276 15.53 13.46 19.30
CA PRO B 276 14.33 13.76 18.51
C PRO B 276 14.00 12.79 17.38
N ASP B 277 14.90 11.86 17.06
CA ASP B 277 14.59 10.79 16.08
C ASP B 277 14.18 9.47 16.76
N ASP B 278 14.02 9.57 18.08
CA ASP B 278 13.36 8.59 18.91
C ASP B 278 11.82 8.89 19.03
N MET B 279 11.31 9.74 18.14
CA MET B 279 9.95 10.27 18.21
C MET B 279 8.93 9.32 17.61
N GLY B 280 8.05 8.84 18.49
CA GLY B 280 6.97 7.92 18.13
C GLY B 280 7.47 6.52 17.89
N LYS B 281 8.58 6.17 18.54
CA LYS B 281 9.10 4.83 18.47
C LYS B 281 8.61 4.10 19.68
N PHE B 282 7.90 3.00 19.42
CA PHE B 282 7.36 2.09 20.46
C PHE B 282 7.85 0.67 20.31
N ARG B 283 7.80 -0.07 21.41
CA ARG B 283 8.04 -1.50 21.37
C ARG B 283 7.02 -2.18 20.47
N ALA B 284 7.44 -3.15 19.67
CA ALA B 284 6.50 -4.00 18.93
C ALA B 284 5.88 -4.97 19.92
N PRO B 285 4.57 -4.85 20.21
CA PRO B 285 3.99 -5.76 21.22
C PRO B 285 3.85 -7.18 20.66
N SER B 286 3.80 -8.17 21.55
CA SER B 286 3.44 -9.54 21.19
C SER B 286 2.02 -9.61 20.61
N LEU B 287 1.84 -10.45 19.61
CA LEU B 287 0.55 -10.60 18.94
C LEU B 287 -0.17 -11.84 19.45
N ARG B 288 0.46 -12.59 20.37
CA ARG B 288 -0.23 -13.63 21.15
C ARG B 288 -1.49 -13.04 21.75
N ASN B 289 -2.60 -13.75 21.54
CA ASN B 289 -3.91 -13.37 22.06
C ASN B 289 -4.41 -12.00 21.58
N ILE B 290 -3.91 -11.57 20.42
CA ILE B 290 -4.29 -10.30 19.86
C ILE B 290 -5.79 -10.17 19.56
N ALA B 291 -6.46 -11.25 19.17
CA ALA B 291 -7.91 -11.21 18.92
C ALA B 291 -8.71 -10.79 20.15
N LEU B 292 -8.07 -10.78 21.33
CA LEU B 292 -8.79 -10.58 22.61
C LEU B 292 -8.48 -9.27 23.29
N THR B 293 -7.51 -8.56 22.75
CA THR B 293 -6.89 -7.41 23.42
C THR B 293 -7.26 -6.04 22.79
N ALA B 294 -8.33 -5.99 22.01
CA ALA B 294 -8.82 -4.71 21.47
C ALA B 294 -9.17 -3.70 22.58
N PRO B 295 -9.05 -2.39 22.33
CA PRO B 295 -8.50 -1.69 21.16
C PRO B 295 -6.97 -1.77 21.12
N TYR B 296 -6.41 -1.37 20.00
CA TYR B 296 -5.01 -1.54 19.69
C TYR B 296 -4.29 -0.24 19.45
N MET B 297 -2.98 -0.27 19.61
CA MET B 297 -1.97 0.81 19.61
C MET B 297 -1.75 1.37 21.03
N HIS B 298 -0.64 2.00 21.29
CA HIS B 298 -0.29 2.51 22.62
C HIS B 298 -1.41 3.37 23.27
N ASP B 299 -2.25 3.99 22.44
CA ASP B 299 -3.29 4.88 22.94
C ASP B 299 -4.69 4.31 22.76
N GLY B 300 -4.78 3.06 22.30
CA GLY B 300 -6.09 2.41 22.03
C GLY B 300 -6.88 3.04 20.89
N SER B 301 -6.20 3.80 20.05
CA SER B 301 -6.88 4.58 19.03
C SER B 301 -7.28 3.78 17.79
N VAL B 302 -6.88 2.51 17.69
CA VAL B 302 -7.42 1.65 16.63
C VAL B 302 -8.35 0.58 17.22
N ALA B 303 -9.61 0.66 16.82
CA ALA B 303 -10.76 -0.06 17.37
C ALA B 303 -10.75 -1.57 17.11
N THR B 304 -10.44 -1.92 15.87
CA THR B 304 -10.56 -3.28 15.42
C THR B 304 -9.28 -3.73 14.71
N LEU B 305 -9.22 -5.03 14.51
CA LEU B 305 -8.09 -5.67 13.88
C LEU B 305 -8.19 -5.43 12.36
N GLU B 306 -9.43 -5.43 11.84
CA GLU B 306 -9.71 -5.09 10.43
C GLU B 306 -9.06 -3.74 10.07
N GLU B 307 -9.27 -2.74 10.93
CA GLU B 307 -8.72 -1.41 10.77
C GLU B 307 -7.21 -1.39 10.91
N VAL B 308 -6.63 -2.36 11.62
CA VAL B 308 -5.15 -2.44 11.78
C VAL B 308 -4.44 -2.89 10.51
N ILE B 309 -4.96 -3.95 9.90
CA ILE B 309 -4.48 -4.40 8.61
C ILE B 309 -4.67 -3.30 7.56
N ASP B 310 -5.83 -2.63 7.53
CA ASP B 310 -6.03 -1.46 6.61
C ASP B 310 -4.92 -0.43 6.69
N ILE B 311 -4.35 -0.25 7.87
CA ILE B 311 -3.32 0.74 8.12
C ILE B 311 -1.95 0.27 7.64
N TYR B 312 -1.73 -1.02 7.70
CA TYR B 312 -0.47 -1.53 7.21
C TYR B 312 -0.43 -1.50 5.67
N SER B 313 -1.56 -1.81 5.05
CA SER B 313 -1.63 -1.77 3.61
C SER B 313 -1.64 -0.36 3.02
N GLU B 314 -2.29 0.62 3.68
CA GLU B 314 -2.17 2.02 3.23
C GLU B 314 -0.79 2.65 3.60
N GLY B 315 0.06 1.90 4.32
CA GLY B 315 1.40 2.36 4.72
C GLY B 315 1.56 3.16 6.02
N GLY B 316 0.42 3.45 6.65
CA GLY B 316 0.30 4.29 7.84
C GLY B 316 -1.12 4.83 7.88
N ARG B 317 -1.39 5.71 8.82
CA ARG B 317 -2.74 6.23 9.05
C ARG B 317 -2.92 7.66 8.51
N LYS B 318 -4.08 7.95 7.93
CA LYS B 318 -4.41 9.30 7.51
C LYS B 318 -5.57 9.74 8.33
N ILE B 319 -5.31 10.70 9.24
CA ILE B 319 -6.40 11.36 9.95
C ILE B 319 -6.70 12.69 9.25
N ALA B 320 -7.97 12.86 8.88
CA ALA B 320 -8.37 13.94 7.95
C ALA B 320 -8.69 15.27 8.68
N SER B 321 -9.38 15.15 9.81
CA SER B 321 -9.92 16.31 10.48
C SER B 321 -10.06 16.02 11.98
N GLY B 322 -8.96 16.22 12.70
CA GLY B 322 -8.99 16.16 14.17
C GLY B 322 -8.08 17.22 14.74
N PRO B 323 -7.91 17.23 16.08
CA PRO B 323 -6.70 17.89 16.61
C PRO B 323 -5.41 17.11 16.28
N HIS B 324 -5.55 15.79 16.00
CA HIS B 324 -4.42 14.95 15.58
C HIS B 324 -4.38 14.78 14.07
N ALA B 325 -4.88 15.78 13.34
CA ALA B 325 -4.96 15.73 11.87
C ALA B 325 -3.57 15.63 11.25
N GLY B 326 -3.47 14.80 10.22
CA GLY B 326 -2.19 14.48 9.61
C GLY B 326 -2.09 13.18 8.85
N ASP B 327 -0.89 12.93 8.33
CA ASP B 327 -0.65 11.81 7.42
C ASP B 327 0.65 11.11 7.76
N GLY B 328 0.54 10.19 8.73
CA GLY B 328 1.67 9.46 9.29
C GLY B 328 2.35 8.52 8.31
N ARG B 329 1.63 8.14 7.26
CA ARG B 329 2.22 7.33 6.21
C ARG B 329 3.28 8.10 5.39
N ALA B 330 3.16 9.43 5.40
CA ALA B 330 4.11 10.35 4.78
C ALA B 330 5.00 10.99 5.88
N SER B 331 5.49 10.19 6.80
CA SER B 331 6.31 10.72 7.89
C SER B 331 7.81 10.49 7.66
N ALA B 332 8.60 11.47 8.04
CA ALA B 332 10.08 11.37 8.04
C ALA B 332 10.59 10.42 9.11
N LEU B 333 9.85 10.29 10.21
CA LEU B 333 10.21 9.40 11.32
C LEU B 333 9.74 7.90 11.15
N LYS B 334 8.81 7.65 10.22
CA LYS B 334 8.29 6.33 9.95
C LYS B 334 9.40 5.41 9.47
N SER B 335 9.52 4.24 10.10
CA SER B 335 10.65 3.34 9.89
C SER B 335 10.67 2.72 8.48
N GLY B 336 11.88 2.41 8.01
CA GLY B 336 12.13 1.86 6.67
C GLY B 336 11.35 0.61 6.35
N LEU B 337 11.08 -0.19 7.40
CA LEU B 337 10.47 -1.54 7.28
C LEU B 337 8.93 -1.54 7.04
N ILE B 338 8.23 -0.52 7.53
CA ILE B 338 6.85 -0.29 7.06
C ILE B 338 6.97 0.49 5.78
N VAL B 339 6.51 -0.14 4.70
CA VAL B 339 6.45 0.51 3.41
C VAL B 339 4.99 0.08 3.23
N LYS B 340 4.50 -0.05 1.99
CA LYS B 340 3.06 -0.10 1.71
C LYS B 340 2.74 -1.25 0.74
N ILE B 341 1.74 -2.05 1.10
CA ILE B 341 1.37 -3.21 0.32
C ILE B 341 -0.06 -3.09 -0.20
N ASP B 342 -0.26 -3.44 -1.46
CA ASP B 342 -1.60 -3.46 -2.01
C ASP B 342 -2.25 -4.81 -1.64
N LEU B 343 -2.76 -4.87 -0.41
CA LEU B 343 -3.45 -6.05 0.08
C LEU B 343 -4.85 -6.16 -0.45
N THR B 344 -5.26 -7.36 -0.76
CA THR B 344 -6.55 -7.58 -1.30
C THR B 344 -7.52 -7.94 -0.24
N ALA B 345 -8.79 -7.86 -0.57
CA ALA B 345 -9.84 -8.20 0.33
C ALA B 345 -9.70 -9.58 0.83
N GLN B 346 -9.86 -10.54 -0.02
CA GLN B 346 -9.77 -11.93 0.45
C GLN B 346 -8.44 -12.22 1.18
N GLU B 347 -7.38 -11.55 0.78
CA GLU B 347 -6.10 -11.78 1.37
C GLU B 347 -5.83 -10.98 2.69
N LYS B 348 -6.50 -9.83 2.85
CA LYS B 348 -6.60 -9.16 4.14
C LYS B 348 -7.40 -10.02 5.12
N ALA B 349 -8.43 -10.70 4.63
CA ALA B 349 -9.24 -11.65 5.42
C ALA B 349 -8.50 -12.94 5.83
N ASP B 350 -7.48 -13.33 5.08
CA ASP B 350 -6.68 -14.47 5.42
C ASP B 350 -5.74 -14.12 6.55
N LEU B 351 -5.23 -12.89 6.52
CA LEU B 351 -4.29 -12.44 7.51
C LEU B 351 -4.95 -12.28 8.87
N LEU B 352 -6.22 -11.89 8.84
CA LEU B 352 -7.03 -11.71 10.03
C LEU B 352 -7.27 -13.10 10.57
N ALA B 353 -7.78 -13.99 9.71
CA ALA B 353 -7.92 -15.41 10.02
C ALA B 353 -6.66 -15.95 10.69
N PHE B 354 -5.48 -15.51 10.25
CA PHE B 354 -4.27 -16.09 10.80
C PHE B 354 -4.01 -15.56 12.22
N LEU B 355 -4.12 -14.24 12.37
CA LEU B 355 -4.04 -13.62 13.69
C LEU B 355 -5.01 -14.23 14.72
N LYS B 356 -6.23 -14.59 14.29
CA LYS B 356 -7.17 -15.31 15.13
C LYS B 356 -6.69 -16.68 15.65
N THR B 357 -5.75 -17.32 14.93
CA THR B 357 -5.08 -18.52 15.45
C THR B 357 -4.10 -18.20 16.59
N LEU B 358 -3.86 -16.93 16.91
CA LEU B 358 -2.86 -16.66 17.92
C LEU B 358 -3.43 -16.66 19.35
N THR B 359 -4.72 -16.98 19.49
CA THR B 359 -5.42 -16.93 20.79
C THR B 359 -5.24 -18.24 21.54
N ASP B 360 -4.74 -18.16 22.78
CA ASP B 360 -4.67 -19.32 23.71
C ASP B 360 -6.02 -19.85 24.20
N GLU B 361 -6.01 -21.11 24.62
CA GLU B 361 -7.19 -21.78 25.17
C GLU B 361 -7.13 -21.73 26.71
N SER B 362 -6.10 -22.40 27.26
CA SER B 362 -5.85 -22.49 28.70
C SER B 362 -5.85 -21.15 29.37
N LEU B 363 -5.18 -20.16 28.79
CA LEU B 363 -5.03 -18.86 29.42
C LEU B 363 -6.35 -18.25 29.94
N ILE B 364 -7.33 -18.17 29.03
CA ILE B 364 -8.62 -17.48 29.20
C ILE B 364 -9.48 -18.17 30.24
N ALA B 365 -9.51 -19.50 30.21
CA ALA B 365 -10.41 -20.34 31.00
C ALA B 365 -9.79 -20.96 32.25
N SER B 366 -8.47 -21.10 32.32
CA SER B 366 -7.89 -21.92 33.39
C SER B 366 -8.14 -21.44 34.80
N PRO B 367 -8.44 -22.39 35.71
CA PRO B 367 -8.52 -22.15 37.15
C PRO B 367 -7.19 -21.66 37.72
N ARG B 368 -6.08 -22.07 37.07
CA ARG B 368 -4.72 -21.65 37.39
C ARG B 368 -4.56 -20.15 37.48
N PHE B 369 -5.15 -19.42 36.52
CA PHE B 369 -4.87 -17.98 36.32
C PHE B 369 -6.03 -17.09 36.73
N SER B 370 -7.07 -17.71 37.26
CA SER B 370 -8.29 -16.99 37.59
C SER B 370 -8.25 -16.31 38.96
N ASP B 371 -9.25 -15.45 39.19
CA ASP B 371 -9.53 -14.81 40.51
C ASP B 371 -9.73 -15.84 41.61
N PRO B 372 -8.85 -15.85 42.62
CA PRO B 372 -9.08 -16.87 43.63
C PRO B 372 -9.99 -16.39 44.77
N TRP B 373 -10.56 -15.20 44.64
CA TRP B 373 -11.45 -14.68 45.67
C TRP B 373 -12.95 -14.87 45.38
N ARG B 374 -13.28 -15.51 44.25
CA ARG B 374 -14.64 -16.02 43.91
C ARG B 374 -14.64 -16.75 42.56
FE HEC C . -9.04 4.04 -12.11
CHA HEC C . -9.09 2.79 -15.29
CHB HEC C . -10.82 6.78 -13.04
CHC HEC C . -9.88 4.59 -8.79
CHD HEC C . -6.70 1.75 -11.18
NA HEC C . -9.79 4.72 -13.93
C1A HEC C . -9.74 4.11 -15.12
C2A HEC C . -10.42 4.86 -16.22
C3A HEC C . -10.94 6.06 -15.52
C4A HEC C . -10.53 5.83 -14.12
CMA HEC C . -11.71 7.23 -16.00
CAA HEC C . -10.49 4.53 -17.68
CBA HEC C . -9.08 4.96 -18.17
CGA HEC C . -8.72 4.84 -19.66
O1A HEC C . -9.40 4.17 -20.46
O2A HEC C . -7.71 5.44 -20.11
NB HEC C . -10.14 5.50 -11.10
C1B HEC C . -10.86 6.50 -11.61
C2B HEC C . -11.60 7.32 -10.61
C3B HEC C . -11.27 6.60 -9.35
C4B HEC C . -10.41 5.52 -9.78
CMB HEC C . -12.45 8.53 -10.88
CAB HEC C . -11.66 6.79 -7.94
CBB HEC C . -12.58 7.92 -7.60
NC HEC C . -8.35 3.29 -10.28
C1C HEC C . -8.80 3.60 -9.04
C2C HEC C . -8.16 2.90 -7.91
C3C HEC C . -7.23 2.04 -8.65
C4C HEC C . -7.45 2.35 -10.07
CMC HEC C . -8.45 3.07 -6.43
CAC HEC C . -6.27 1.02 -8.14
CBC HEC C . -6.03 0.64 -6.71
ND HEC C . -8.00 2.52 -13.11
C1D HEC C . -7.15 1.66 -12.58
C2D HEC C . -6.63 0.62 -13.50
C3D HEC C . -7.38 0.90 -14.71
C4D HEC C . -8.20 2.07 -14.36
CMD HEC C . -5.62 -0.47 -13.22
CAD HEC C . -7.27 0.14 -15.99
CBD HEC C . -8.18 -1.05 -15.72
CGD HEC C . -8.52 -1.85 -16.97
O1D HEC C . -8.62 -3.09 -16.88
O2D HEC C . -8.71 -1.25 -18.07
FE HEC D . -0.13 2.26 -31.18
CHA HEC D . -0.20 1.28 -27.94
CHB HEC D . 2.53 4.31 -30.53
CHC HEC D . 0.57 2.30 -34.44
CHD HEC D . -3.08 0.65 -31.81
NA HEC D . 0.94 2.81 -29.46
C1A HEC D . 0.79 2.33 -28.23
C2A HEC D . 1.74 2.88 -27.22
C3A HEC D . 2.56 3.81 -28.03
C4A HEC D . 2.01 3.60 -29.38
CMA HEC D . 3.72 4.70 -27.61
CAA HEC D . 1.85 2.66 -25.73
CBA HEC D . 1.25 3.94 -25.12
CGA HEC D . 1.04 3.96 -23.62
O1A HEC D . 0.30 4.84 -23.14
O2A HEC D . 1.62 3.12 -22.90
NB HEC D . 1.30 3.24 -32.31
C1B HEC D . 2.40 3.87 -31.93
C2B HEC D . 3.32 4.27 -33.01
C3B HEC D . 2.67 3.64 -34.16
C4B HEC D . 1.51 3.00 -33.58
CMB HEC D . 4.58 5.11 -32.96
CAB HEC D . 3.02 3.50 -35.59
CBB HEC D . 4.24 4.16 -36.15
NC HEC D . -1.14 1.66 -32.87
C1C HEC D . -0.71 1.73 -34.10
C2C HEC D . -1.58 1.19 -35.15
C3C HEC D . -2.67 0.66 -34.31
C4C HEC D . -2.27 0.97 -32.95
CMC HEC D . -1.34 1.17 -36.63
CAC HEC D . -3.93 -0.06 -34.66
CBC HEC D . -4.29 -0.37 -36.07
ND HEC D . -1.51 1.21 -30.05
C1D HEC D . -2.55 0.49 -30.45
C2D HEC D . -3.23 -0.32 -29.41
C3D HEC D . -2.36 -0.13 -28.25
C4D HEC D . -1.30 0.77 -28.80
CMD HEC D . -4.50 -1.11 -29.55
CAD HEC D . -2.48 -0.75 -26.88
CBD HEC D . -1.50 -1.94 -26.98
CGD HEC D . -1.72 -2.98 -25.90
O1D HEC D . -2.15 -4.08 -26.21
O2D HEC D . -1.48 -2.74 -24.69
CA CA E . -9.92 4.89 -24.27
FE HEC F . -0.27 -2.74 34.80
CHA HEC F . 1.72 -2.13 32.13
CHB HEC F . 1.59 -5.47 35.65
CHC HEC F . -1.62 -2.66 37.86
CHD HEC F . -2.40 -0.29 33.80
NA HEC F . 1.36 -3.74 33.96
C1A HEC F . 2.05 -3.39 32.87
C2A HEC F . 3.19 -4.31 32.58
C3A HEC F . 3.14 -5.31 33.66
C4A HEC F . 1.99 -4.81 34.44
CMA HEC F . 4.01 -6.51 33.89
CAA HEC F . 4.19 -4.32 31.44
CBA HEC F . 3.47 -5.23 30.43
CGA HEC F . 4.24 -5.35 29.16
O1A HEC F . 4.29 -6.50 28.68
O2A HEC F . 4.78 -4.36 28.62
NB HEC F . -0.10 -3.95 36.46
C1B HEC F . 0.83 -4.87 36.71
C2B HEC F . 0.82 -5.39 38.11
C3B HEC F . -0.15 -4.48 38.72
C4B HEC F . -0.58 -3.61 37.64
CMB HEC F . 1.63 -6.50 38.70
CAB HEC F . -0.62 -4.36 40.10
CBB HEC F . -0.11 -5.31 41.16
NC HEC F . -1.85 -1.70 35.67
C1C HEC F . -2.29 -1.78 36.92
C2C HEC F . -3.41 -0.89 37.29
C3C HEC F . -3.58 -0.17 36.04
C4C HEC F . -2.58 -0.74 35.15
CMC HEC F . -4.13 -0.78 38.60
CAC HEC F . -4.52 0.92 35.58
CBC HEC F . -5.56 1.57 36.45
ND HEC F . -0.39 -1.45 33.16
C1D HEC F . -1.19 -0.42 33.01
C2D HEC F . -0.97 0.44 31.86
C3D HEC F . 0.27 -0.10 31.33
C4D HEC F . 0.57 -1.21 32.28
CMD HEC F . -1.81 1.59 31.37
CAD HEC F . 1.03 0.44 30.16
CBD HEC F . 1.99 1.44 30.83
CGD HEC F . 2.70 2.44 29.92
O1D HEC F . 3.42 2.05 28.98
O2D HEC F . 2.59 3.67 30.16
FE HEC G . 2.85 -4.37 13.96
CHA HEC G . 1.43 -2.72 16.61
CHB HEC G . 0.13 -6.35 13.63
CHC HEC G . 3.89 -5.12 10.76
CHD HEC G . 5.91 -2.87 14.65
NA HEC G . 1.04 -4.57 14.98
C1A HEC G . 0.61 -3.82 16.02
C2A HEC G . -0.75 -4.17 16.51
C3A HEC G . -1.14 -5.26 15.60
C4A HEC G . 0.02 -5.37 14.70
CMA HEC G . -2.41 -6.07 15.58
CAA HEC G . -1.53 -3.60 17.67
CBA HEC G . -0.86 -4.16 18.92
CGA HEC G . -1.54 -3.89 20.24
O1A HEC G . -1.55 -4.88 21.04
O2A HEC G . -2.00 -2.75 20.53
NB HEC G . 2.14 -5.61 12.45
C1B HEC G . 0.96 -6.26 12.41
C2B HEC G . 0.62 -6.96 11.14
C3B HEC G . 1.78 -6.52 10.33
C4B HEC G . 2.61 -5.70 11.20
CMB HEC G . -0.59 -7.81 10.84
CAB HEC G . 2.16 -6.78 8.92
CBB HEC G . 1.30 -7.66 8.03
NC HEC G . 4.67 -4.09 12.91
C1C HEC G . 4.91 -4.44 11.61
C2C HEC G . 6.25 -4.08 11.11
C3C HEC G . 6.80 -3.37 12.30
C4C HEC G . 5.75 -3.42 13.32
CMC HEC G . 6.80 -4.36 9.73
CAC HEC G . 8.10 -2.70 12.55
CBC HEC G . 9.18 -2.63 11.50
ND HEC G . 3.58 -3.04 15.44
C1D HEC G . 4.79 -2.49 15.52
C2D HEC G . 4.95 -1.49 16.63
C3D HEC G . 3.62 -1.45 17.20
C4D HEC G . 2.85 -2.41 16.38
CMD HEC G . 6.16 -0.70 17.07
CAD HEC G . 3.19 -0.57 18.33
CBD HEC G . 2.59 0.63 17.60
CGD HEC G . 2.05 1.67 18.56
O1D HEC G . 2.45 2.86 18.43
O2D HEC G . 1.20 1.35 19.42
CA CA H . -4.85 -3.37 23.46
#